data_4YMW
#
_entry.id   4YMW
#
_cell.length_a   96.247
_cell.length_b   115.264
_cell.length_c   301.185
_cell.angle_alpha   90.00
_cell.angle_beta   90.00
_cell.angle_gamma   90.00
#
_symmetry.space_group_name_H-M   'C 2 2 21'
#
loop_
_entity.id
_entity.type
_entity.pdbx_description
1 polymer 'ABC-type polar amino acid transport system, ATPase component'
2 polymer 'ABC-type amino acid transport system, permease component'
3 non-polymer HISTIDINE
#
loop_
_entity_poly.entity_id
_entity_poly.type
_entity_poly.pdbx_seq_one_letter_code
_entity_poly.pdbx_strand_id
1 'polypeptide(L)'
;MIFVNDVYKNFGSLEVLKGVTLKVNKGEVVVIIGPSGSGKSTLLRCINLLEEPTKGEVFIDGVKINNGKVNINKVRQKVG
MVFQHFNLFPHLTAIENITLAPVKVKKMNKKEAEELAVDLLAKVGLLDKKDQYPIKLSGGQKQRLAIARALAMQPEVMLF
DEPTSALDPEMVKEVLNVMKQLANEGMTMVVVTHEMGFAREVGDRVIFMDDGVIVEEGTPEEIFYRAKNERTREFLSKIL
;
J,A
2 'polypeptide(L)'
;MTVDFLSMVKYTPLFISGLIMTLKLTFLAVTIGVLMGLFIALMKMSSIKPIKLVASSYIEVIRGTPLLVQLLLIYNGLMQ
FGMNIPAFTAGVSALAINSSAYVAEIIRAGIQAVDPGQNEAARSLGMTHAMAMRYVIIPQAIKNILPALGNEFIVMLKES
AIVSVIGFADLTRQADIIQSVTYRYFEPYIIIAAIYFVMTLTFSKLLSLFERRLRAGDIR
;
D,C
#
# COMPACT_ATOMS: atom_id res chain seq x y z
N MET A 1 -15.73 -19.62 -33.80
CA MET A 1 -14.72 -18.63 -33.34
C MET A 1 -14.41 -18.51 -31.83
N ILE A 2 -15.34 -18.11 -30.97
CA ILE A 2 -15.12 -18.28 -29.52
C ILE A 2 -16.09 -19.31 -28.96
N PHE A 3 -15.62 -20.25 -28.18
CA PHE A 3 -16.53 -21.20 -27.56
C PHE A 3 -16.06 -21.55 -26.14
N VAL A 4 -16.60 -20.85 -25.14
CA VAL A 4 -16.41 -21.26 -23.76
C VAL A 4 -17.42 -22.36 -23.49
N ASN A 5 -16.93 -23.54 -23.14
CA ASN A 5 -17.81 -24.69 -23.02
C ASN A 5 -17.90 -25.21 -21.62
N ASP A 6 -19.02 -24.89 -20.99
CA ASP A 6 -19.43 -25.32 -19.66
C ASP A 6 -18.35 -25.16 -18.57
N VAL A 7 -17.71 -23.99 -18.51
CA VAL A 7 -16.60 -23.88 -17.57
C VAL A 7 -17.06 -23.54 -16.17
N TYR A 8 -16.18 -23.87 -15.23
CA TYR A 8 -16.32 -23.56 -13.81
C TYR A 8 -15.03 -22.89 -13.39
N LYS A 9 -15.09 -22.00 -12.40
CA LYS A 9 -13.88 -21.48 -11.78
C LYS A 9 -14.08 -21.33 -10.30
N ASN A 10 -13.04 -21.69 -9.53
CA ASN A 10 -12.94 -21.47 -8.09
C ASN A 10 -11.76 -20.60 -7.76
N PHE A 11 -11.96 -19.73 -6.79
CA PHE A 11 -10.86 -19.15 -6.06
C PHE A 11 -11.02 -19.61 -4.63
N GLY A 12 -10.20 -20.57 -4.24
CA GLY A 12 -10.38 -21.21 -2.96
C GLY A 12 -11.71 -21.93 -3.01
N SER A 13 -12.54 -21.63 -2.02
CA SER A 13 -13.88 -22.19 -1.96
C SER A 13 -14.88 -21.20 -2.50
N LEU A 14 -14.39 -20.07 -3.01
CA LEU A 14 -15.29 -19.09 -3.59
C LEU A 14 -15.61 -19.55 -5.03
N GLU A 15 -16.87 -19.90 -5.25
CA GLU A 15 -17.30 -20.38 -6.55
C GLU A 15 -17.79 -19.25 -7.42
N VAL A 16 -17.02 -18.88 -8.44
CA VAL A 16 -17.38 -17.73 -9.24
C VAL A 16 -18.14 -18.06 -10.52
N LEU A 17 -17.70 -19.07 -11.27
CA LEU A 17 -18.44 -19.57 -12.44
C LEU A 17 -18.95 -20.98 -12.20
N LYS A 18 -20.25 -21.19 -12.35
CA LYS A 18 -20.85 -22.47 -11.98
C LYS A 18 -21.48 -23.18 -13.18
N GLY A 19 -20.69 -23.34 -14.24
CA GLY A 19 -21.17 -23.99 -15.45
C GLY A 19 -21.68 -22.96 -16.42
N VAL A 20 -20.78 -22.35 -17.18
CA VAL A 20 -21.16 -21.30 -18.10
C VAL A 20 -20.76 -21.64 -19.54
N THR A 21 -21.65 -21.33 -20.50
CA THR A 21 -21.38 -21.57 -21.92
C THR A 21 -21.63 -20.35 -22.82
N LEU A 22 -20.64 -20.02 -23.65
CA LEU A 22 -20.73 -18.85 -24.51
C LEU A 22 -20.17 -19.13 -25.91
N LYS A 23 -20.94 -18.86 -26.96
CA LYS A 23 -20.43 -19.01 -28.33
C LYS A 23 -20.46 -17.63 -28.97
N VAL A 24 -19.36 -17.21 -29.59
CA VAL A 24 -19.38 -15.93 -30.27
C VAL A 24 -18.84 -16.11 -31.69
N ASN A 25 -19.61 -15.67 -32.68
CA ASN A 25 -19.23 -15.78 -34.09
C ASN A 25 -18.81 -14.44 -34.71
N LYS A 26 -18.21 -14.49 -35.89
CA LYS A 26 -17.59 -13.29 -36.44
C LYS A 26 -18.63 -12.20 -36.59
N GLY A 27 -18.33 -11.00 -36.09
CA GLY A 27 -19.20 -9.82 -36.24
C GLY A 27 -20.13 -9.48 -35.07
N GLU A 28 -20.40 -10.46 -34.22
CA GLU A 28 -21.28 -10.23 -33.09
C GLU A 28 -20.68 -9.26 -32.09
N VAL A 29 -21.54 -8.39 -31.54
CA VAL A 29 -21.19 -7.67 -30.33
C VAL A 29 -21.97 -8.25 -29.16
N VAL A 30 -21.28 -8.98 -28.29
CA VAL A 30 -21.94 -9.55 -27.11
C VAL A 30 -21.65 -8.70 -25.87
N VAL A 31 -22.70 -8.27 -25.21
CA VAL A 31 -22.53 -7.42 -24.03
C VAL A 31 -23.03 -8.18 -22.83
N ILE A 32 -22.16 -8.39 -21.84
CA ILE A 32 -22.53 -9.13 -20.62
C ILE A 32 -22.76 -8.20 -19.42
N ILE A 33 -23.88 -8.40 -18.74
CA ILE A 33 -24.26 -7.58 -17.60
C ILE A 33 -24.66 -8.43 -16.39
N GLY A 34 -24.73 -7.78 -15.24
CA GLY A 34 -25.10 -8.49 -14.02
C GLY A 34 -24.50 -7.82 -12.80
N PRO A 35 -24.97 -8.20 -11.61
CA PRO A 35 -24.47 -7.64 -10.36
C PRO A 35 -23.02 -7.99 -10.10
N SER A 36 -22.40 -7.25 -9.21
CA SER A 36 -21.01 -7.50 -8.90
C SER A 36 -20.89 -8.89 -8.28
N GLY A 37 -19.93 -9.68 -8.74
CA GLY A 37 -19.79 -11.03 -8.23
C GLY A 37 -20.67 -12.06 -8.90
N SER A 38 -21.30 -11.68 -10.00
CA SER A 38 -22.04 -12.63 -10.85
C SER A 38 -21.10 -13.59 -11.59
N GLY A 39 -19.86 -13.15 -11.76
CA GLY A 39 -18.85 -13.92 -12.46
C GLY A 39 -18.56 -13.43 -13.87
N LYS A 40 -19.21 -12.34 -14.28
CA LYS A 40 -19.02 -11.75 -15.61
C LYS A 40 -17.56 -11.68 -16.02
N SER A 41 -16.75 -11.03 -15.18
CA SER A 41 -15.37 -10.75 -15.55
C SER A 41 -14.55 -12.02 -15.58
N THR A 42 -14.89 -12.96 -14.71
CA THR A 42 -14.18 -14.22 -14.72
C THR A 42 -14.52 -14.96 -16.03
N LEU A 43 -15.77 -14.88 -16.48
CA LEU A 43 -16.13 -15.54 -17.73
C LEU A 43 -15.38 -14.91 -18.87
N LEU A 44 -15.32 -13.57 -18.90
CA LEU A 44 -14.57 -12.88 -19.94
C LEU A 44 -13.07 -13.28 -19.96
N ARG A 45 -12.51 -13.47 -18.77
CA ARG A 45 -11.09 -13.74 -18.70
C ARG A 45 -10.75 -15.20 -18.95
N CYS A 46 -11.75 -16.07 -18.91
CA CYS A 46 -11.53 -17.44 -19.36
C CYS A 46 -11.28 -17.51 -20.87
N ILE A 47 -11.82 -16.56 -21.62
CA ILE A 47 -11.77 -16.57 -23.09
C ILE A 47 -10.33 -16.55 -23.64
N ASN A 48 -9.48 -15.69 -23.09
CA ASN A 48 -8.08 -15.66 -23.51
C ASN A 48 -7.19 -16.21 -22.41
N LEU A 49 -7.78 -17.02 -21.55
CA LEU A 49 -7.08 -17.76 -20.49
C LEU A 49 -6.23 -16.97 -19.45
N LEU A 50 -6.62 -15.74 -19.12
CA LEU A 50 -6.14 -15.03 -17.93
C LEU A 50 -6.72 -15.61 -16.67
N GLU A 51 -7.74 -16.43 -16.80
CA GLU A 51 -8.11 -17.35 -15.77
C GLU A 51 -8.05 -18.72 -16.41
N GLU A 52 -7.87 -19.75 -15.63
CA GLU A 52 -8.06 -21.06 -16.20
C GLU A 52 -9.14 -21.75 -15.45
N PRO A 53 -10.10 -22.28 -16.19
CA PRO A 53 -11.28 -22.96 -15.65
C PRO A 53 -10.89 -24.13 -14.76
N THR A 54 -11.61 -24.33 -13.68
CA THR A 54 -11.46 -25.54 -12.88
C THR A 54 -11.91 -26.75 -13.72
N LYS A 55 -12.99 -26.58 -14.47
CA LYS A 55 -13.41 -27.54 -15.51
C LYS A 55 -14.01 -26.85 -16.72
N GLY A 56 -14.39 -27.65 -17.71
CA GLY A 56 -14.87 -27.11 -18.96
C GLY A 56 -13.69 -26.71 -19.83
N GLU A 57 -13.99 -26.23 -21.03
CA GLU A 57 -12.90 -25.95 -21.98
C GLU A 57 -13.12 -24.66 -22.75
N VAL A 58 -12.04 -24.07 -23.25
CA VAL A 58 -12.12 -22.86 -24.05
C VAL A 58 -11.56 -23.10 -25.45
N PHE A 59 -12.38 -22.93 -26.49
CA PHE A 59 -11.93 -23.12 -27.88
C PHE A 59 -11.84 -21.79 -28.59
N ILE A 60 -10.74 -21.55 -29.29
CA ILE A 60 -10.69 -20.40 -30.20
C ILE A 60 -10.45 -20.85 -31.64
N ASP A 61 -11.37 -20.46 -32.53
CA ASP A 61 -11.33 -20.85 -33.93
C ASP A 61 -11.30 -22.35 -34.08
N GLY A 62 -12.00 -23.05 -33.19
CA GLY A 62 -12.15 -24.48 -33.27
C GLY A 62 -11.00 -25.21 -32.58
N VAL A 63 -10.05 -24.47 -32.01
CA VAL A 63 -8.87 -25.07 -31.34
C VAL A 63 -8.91 -24.95 -29.82
N LYS A 64 -8.92 -26.07 -29.11
CA LYS A 64 -8.92 -26.07 -27.63
C LYS A 64 -7.65 -25.40 -27.09
N ILE A 65 -7.79 -24.50 -26.13
CA ILE A 65 -6.60 -23.78 -25.67
C ILE A 65 -6.24 -23.99 -24.20
N ASN A 66 -7.11 -24.65 -23.44
CA ASN A 66 -6.82 -24.93 -22.04
C ASN A 66 -6.58 -26.42 -21.81
N ASN A 67 -5.75 -27.00 -22.67
CA ASN A 67 -5.31 -28.37 -22.50
C ASN A 67 -3.80 -28.42 -22.28
N GLY A 68 -3.18 -27.25 -22.21
CA GLY A 68 -1.75 -27.13 -22.05
C GLY A 68 -0.92 -27.63 -23.22
N LYS A 69 -1.60 -27.97 -24.32
CA LYS A 69 -0.94 -28.47 -25.53
C LYS A 69 -0.96 -27.43 -26.64
N VAL A 70 -0.94 -26.15 -26.26
CA VAL A 70 -1.08 -25.06 -27.23
C VAL A 70 -0.28 -23.83 -26.83
N ASN A 71 0.15 -23.06 -27.82
CA ASN A 71 0.98 -21.89 -27.55
C ASN A 71 0.06 -20.68 -27.32
N ILE A 72 0.06 -20.19 -26.09
CA ILE A 72 -0.94 -19.21 -25.68
C ILE A 72 -0.54 -17.81 -26.17
N ASN A 73 0.75 -17.59 -26.39
CA ASN A 73 1.24 -16.29 -26.84
C ASN A 73 0.86 -15.96 -28.27
N LYS A 74 0.26 -16.92 -28.96
CA LYS A 74 -0.24 -16.74 -30.32
C LYS A 74 -1.77 -16.87 -30.36
N VAL A 75 -2.36 -17.23 -29.21
CA VAL A 75 -3.80 -17.06 -28.99
C VAL A 75 -4.03 -15.62 -28.64
N ARG A 76 -3.31 -15.11 -27.65
CA ARG A 76 -3.58 -13.74 -27.22
C ARG A 76 -3.16 -12.76 -28.32
N GLN A 77 -2.45 -13.27 -29.31
CA GLN A 77 -2.21 -12.48 -30.49
C GLN A 77 -3.49 -12.20 -31.25
N LYS A 78 -4.40 -13.16 -31.28
CA LYS A 78 -5.69 -13.01 -31.97
C LYS A 78 -6.82 -12.38 -31.12
N VAL A 79 -6.75 -12.53 -29.80
CA VAL A 79 -7.78 -12.07 -28.88
C VAL A 79 -7.31 -10.90 -28.04
N GLY A 80 -7.69 -9.70 -28.43
CA GLY A 80 -7.26 -8.48 -27.76
C GLY A 80 -8.01 -8.33 -26.46
N MET A 81 -7.51 -7.46 -25.57
CA MET A 81 -8.09 -7.27 -24.24
C MET A 81 -7.79 -5.86 -23.72
N VAL A 82 -8.85 -5.17 -23.28
CA VAL A 82 -8.79 -3.83 -22.72
C VAL A 82 -9.28 -3.90 -21.28
N PHE A 83 -8.54 -3.23 -20.39
CA PHE A 83 -8.66 -3.39 -18.93
C PHE A 83 -9.34 -2.23 -18.21
N GLN A 84 -10.07 -2.54 -17.15
CA GLN A 84 -10.71 -1.52 -16.32
C GLN A 84 -9.72 -0.43 -15.92
N HIS A 85 -8.53 -0.82 -15.49
CA HIS A 85 -7.61 0.19 -15.00
C HIS A 85 -6.48 0.50 -15.97
N PHE A 86 -6.76 0.32 -17.26
CA PHE A 86 -5.95 0.79 -18.39
C PHE A 86 -4.70 -0.09 -18.62
N ASN A 87 -3.90 -0.29 -17.55
CA ASN A 87 -2.65 -1.04 -17.60
C ASN A 87 -1.68 -0.58 -18.69
N LEU A 88 -1.60 0.73 -18.88
CA LEU A 88 -0.62 1.32 -19.79
C LEU A 88 0.81 1.12 -19.26
N PHE A 89 1.78 0.97 -20.17
CA PHE A 89 3.20 0.90 -19.79
C PHE A 89 3.73 2.31 -19.47
N PRO A 90 4.11 2.57 -18.21
CA PRO A 90 4.41 3.95 -17.78
C PRO A 90 5.74 4.50 -18.30
N HIS A 91 6.71 3.64 -18.57
CA HIS A 91 8.03 4.06 -19.03
C HIS A 91 8.13 4.27 -20.52
N LEU A 92 7.01 4.02 -21.20
CA LEU A 92 6.93 4.17 -22.64
C LEU A 92 5.99 5.31 -23.04
N THR A 93 6.38 6.02 -24.08
CA THR A 93 5.60 7.07 -24.69
C THR A 93 4.29 6.49 -25.26
N ALA A 94 3.35 7.34 -25.70
CA ALA A 94 2.15 6.87 -26.37
C ALA A 94 2.48 5.96 -27.55
N ILE A 95 3.19 6.48 -28.58
CA ILE A 95 3.53 5.62 -29.73
C ILE A 95 4.31 4.41 -29.25
N GLU A 96 5.25 4.61 -28.33
CA GLU A 96 6.08 3.49 -27.92
C GLU A 96 5.20 2.40 -27.34
N ASN A 97 4.22 2.81 -26.55
CA ASN A 97 3.21 1.90 -26.03
C ASN A 97 2.57 1.11 -27.15
N ILE A 98 2.15 1.83 -28.19
CA ILE A 98 1.48 1.19 -29.32
C ILE A 98 2.37 0.25 -30.15
N THR A 99 3.60 0.67 -30.47
CA THR A 99 4.53 -0.05 -31.35
C THR A 99 5.31 -1.17 -30.66
N LEU A 100 5.40 -1.16 -29.34
CA LEU A 100 6.15 -2.22 -28.66
C LEU A 100 5.74 -3.63 -29.12
N ALA A 101 4.49 -4.01 -28.93
CA ALA A 101 4.03 -5.36 -29.26
C ALA A 101 4.17 -5.72 -30.75
N PRO A 102 3.83 -4.80 -31.68
CA PRO A 102 4.05 -5.18 -33.08
C PRO A 102 5.53 -5.43 -33.42
N VAL A 103 6.41 -4.58 -32.90
CA VAL A 103 7.84 -4.67 -33.15
C VAL A 103 8.45 -5.93 -32.55
N LYS A 104 8.11 -6.25 -31.31
CA LYS A 104 8.76 -7.38 -30.68
C LYS A 104 8.01 -8.70 -30.90
N VAL A 105 6.73 -8.68 -31.20
CA VAL A 105 5.99 -9.93 -31.38
C VAL A 105 5.78 -10.30 -32.87
N LYS A 106 5.36 -9.35 -33.68
CA LYS A 106 5.12 -9.58 -35.11
C LYS A 106 6.43 -9.45 -35.89
N LYS A 107 7.45 -8.94 -35.21
CA LYS A 107 8.75 -8.65 -35.79
C LYS A 107 8.59 -7.60 -36.90
N MET A 108 7.66 -6.68 -36.73
CA MET A 108 7.41 -5.62 -37.72
C MET A 108 8.58 -4.67 -37.93
N ASN A 109 8.65 -4.13 -39.13
CA ASN A 109 9.57 -3.03 -39.42
C ASN A 109 9.18 -1.82 -38.58
N LYS A 110 10.18 -1.17 -37.97
CA LYS A 110 9.91 -0.13 -36.97
C LYS A 110 9.28 1.13 -37.55
N LYS A 111 9.42 1.32 -38.85
CA LYS A 111 8.87 2.53 -39.40
C LYS A 111 7.46 2.33 -39.88
N GLU A 112 7.09 1.10 -40.24
CA GLU A 112 5.67 0.80 -40.49
C GLU A 112 4.91 0.56 -39.18
N ALA A 113 5.65 0.12 -38.17
CA ALA A 113 5.13 0.10 -36.82
C ALA A 113 4.74 1.52 -36.44
N GLU A 114 5.64 2.48 -36.65
CA GLU A 114 5.29 3.81 -36.22
C GLU A 114 4.23 4.47 -37.15
N GLU A 115 4.07 4.02 -38.39
CA GLU A 115 2.96 4.63 -39.16
C GLU A 115 1.59 4.03 -38.82
N LEU A 116 1.58 2.75 -38.47
CA LEU A 116 0.39 2.12 -37.94
C LEU A 116 0.00 2.83 -36.62
N ALA A 117 0.99 3.06 -35.78
CA ALA A 117 0.74 3.77 -34.53
C ALA A 117 0.18 5.16 -34.79
N VAL A 118 0.74 5.93 -35.74
CA VAL A 118 0.21 7.28 -35.92
C VAL A 118 -1.20 7.25 -36.54
N ASP A 119 -1.52 6.18 -37.27
CA ASP A 119 -2.87 6.11 -37.81
C ASP A 119 -3.89 5.70 -36.77
N LEU A 120 -3.47 4.86 -35.83
CA LEU A 120 -4.33 4.50 -34.71
C LEU A 120 -4.53 5.69 -33.76
N LEU A 121 -3.44 6.36 -33.43
CA LEU A 121 -3.52 7.57 -32.63
C LEU A 121 -4.46 8.60 -33.28
N ALA A 122 -4.34 8.77 -34.59
CA ALA A 122 -5.24 9.66 -35.31
C ALA A 122 -6.67 9.17 -35.15
N LYS A 123 -6.83 7.85 -35.27
CA LYS A 123 -8.15 7.24 -35.22
C LYS A 123 -8.87 7.53 -33.91
N VAL A 124 -8.21 7.24 -32.78
CA VAL A 124 -8.85 7.44 -31.48
C VAL A 124 -8.65 8.86 -30.95
N GLY A 125 -8.07 9.74 -31.77
CA GLY A 125 -7.95 11.14 -31.39
C GLY A 125 -6.93 11.43 -30.30
N LEU A 126 -5.75 10.86 -30.44
CA LEU A 126 -4.66 11.05 -29.49
C LEU A 126 -3.39 11.53 -30.18
N LEU A 127 -3.54 12.17 -31.33
CA LEU A 127 -2.40 12.42 -32.19
C LEU A 127 -1.37 13.42 -31.64
N ASP A 128 -1.85 14.39 -30.86
CA ASP A 128 -0.96 15.40 -30.31
C ASP A 128 -0.42 14.95 -28.94
N LYS A 129 -0.67 13.69 -28.59
CA LYS A 129 -0.13 13.12 -27.36
C LYS A 129 0.84 12.03 -27.79
N LYS A 130 1.25 12.10 -29.05
CA LYS A 130 2.13 11.10 -29.67
C LYS A 130 3.33 10.80 -28.81
N ASP A 131 3.96 11.84 -28.25
CA ASP A 131 5.23 11.68 -27.52
C ASP A 131 5.14 11.88 -26.01
N GLN A 132 3.93 11.83 -25.47
CA GLN A 132 3.75 12.12 -24.06
C GLN A 132 3.52 10.85 -23.25
N TYR A 133 3.98 10.85 -22.01
CA TYR A 133 3.91 9.69 -21.16
C TYR A 133 2.58 9.51 -20.46
N PRO A 134 2.24 8.20 -20.15
CA PRO A 134 0.93 8.06 -19.50
C PRO A 134 0.54 8.98 -18.35
N ILE A 135 1.42 9.31 -17.43
CA ILE A 135 1.01 10.12 -16.29
C ILE A 135 0.32 11.37 -16.78
N LYS A 136 0.67 11.81 -17.98
CA LYS A 136 0.19 13.08 -18.44
C LYS A 136 -1.08 12.96 -19.22
N LEU A 137 -1.82 11.90 -19.01
CA LEU A 137 -3.06 11.72 -19.74
C LEU A 137 -4.20 11.59 -18.79
N SER A 138 -5.37 12.06 -19.21
CA SER A 138 -6.60 11.86 -18.45
C SER A 138 -7.07 10.41 -18.58
N GLY A 139 -8.00 10.00 -17.74
CA GLY A 139 -8.52 8.63 -17.81
C GLY A 139 -9.07 8.24 -19.17
N GLY A 140 -9.85 9.13 -19.77
CA GLY A 140 -10.37 8.95 -21.11
C GLY A 140 -9.29 8.85 -22.16
N GLN A 141 -8.30 9.72 -22.07
CA GLN A 141 -7.16 9.63 -22.97
C GLN A 141 -6.44 8.31 -22.77
N LYS A 142 -6.25 7.91 -21.51
CA LYS A 142 -5.57 6.66 -21.20
C LYS A 142 -6.31 5.48 -21.82
N GLN A 143 -7.63 5.44 -21.67
CA GLN A 143 -8.33 4.26 -22.13
C GLN A 143 -8.36 4.24 -23.64
N ARG A 144 -8.49 5.41 -24.27
CA ARG A 144 -8.44 5.44 -25.72
C ARG A 144 -7.10 4.92 -26.22
N LEU A 145 -6.01 5.31 -25.56
CA LEU A 145 -4.68 4.83 -25.94
C LEU A 145 -4.52 3.32 -25.74
N ALA A 146 -5.04 2.82 -24.63
CA ALA A 146 -5.05 1.39 -24.39
C ALA A 146 -5.77 0.70 -25.54
N ILE A 147 -6.86 1.29 -26.01
CA ILE A 147 -7.57 0.72 -27.14
C ILE A 147 -6.72 0.73 -28.43
N ALA A 148 -6.05 1.85 -28.72
CA ALA A 148 -5.20 1.95 -29.91
C ALA A 148 -4.14 0.85 -29.89
N ARG A 149 -3.46 0.77 -28.77
CA ARG A 149 -2.44 -0.24 -28.55
C ARG A 149 -3.00 -1.64 -28.78
N ALA A 150 -4.21 -1.91 -28.29
CA ALA A 150 -4.77 -3.24 -28.47
C ALA A 150 -4.91 -3.54 -29.94
N LEU A 151 -5.41 -2.53 -30.68
CA LEU A 151 -5.68 -2.61 -32.12
C LEU A 151 -4.43 -2.75 -33.01
N ALA A 152 -3.30 -2.20 -32.59
CA ALA A 152 -2.06 -2.31 -33.36
C ALA A 152 -1.61 -3.74 -33.58
N MET A 153 -2.05 -4.66 -32.73
CA MET A 153 -1.77 -6.08 -32.96
C MET A 153 -2.85 -6.74 -33.83
N GLN A 154 -3.81 -5.95 -34.28
CA GLN A 154 -4.79 -6.40 -35.26
C GLN A 154 -5.54 -7.70 -34.88
N PRO A 155 -6.27 -7.69 -33.75
CA PRO A 155 -6.94 -8.92 -33.34
C PRO A 155 -8.23 -9.19 -34.12
N GLU A 156 -8.74 -10.41 -34.02
CA GLU A 156 -9.99 -10.75 -34.67
C GLU A 156 -11.19 -10.61 -33.72
N VAL A 157 -10.93 -10.63 -32.42
CA VAL A 157 -11.94 -10.37 -31.39
C VAL A 157 -11.33 -9.50 -30.30
N MET A 158 -12.11 -8.59 -29.75
CA MET A 158 -11.67 -7.67 -28.71
C MET A 158 -12.47 -7.92 -27.43
N LEU A 159 -11.76 -8.11 -26.33
CA LEU A 159 -12.44 -8.28 -25.06
C LEU A 159 -12.34 -6.99 -24.24
N PHE A 160 -13.46 -6.50 -23.72
CA PHE A 160 -13.45 -5.27 -22.95
C PHE A 160 -13.93 -5.61 -21.56
N ASP A 161 -13.03 -5.52 -20.58
CA ASP A 161 -13.43 -5.86 -19.23
C ASP A 161 -13.74 -4.59 -18.46
N GLU A 162 -15.01 -4.16 -18.54
CA GLU A 162 -15.49 -2.92 -17.95
C GLU A 162 -14.64 -1.71 -18.25
N PRO A 163 -14.44 -1.38 -19.53
CA PRO A 163 -13.52 -0.32 -19.93
C PRO A 163 -13.81 1.09 -19.44
N THR A 164 -15.02 1.40 -18.99
CA THR A 164 -15.31 2.79 -18.57
C THR A 164 -15.51 3.01 -17.08
N SER A 165 -15.63 1.93 -16.33
CA SER A 165 -16.02 1.97 -14.93
C SER A 165 -15.00 2.60 -13.95
N ALA A 166 -13.79 2.89 -14.37
CA ALA A 166 -12.88 3.58 -13.47
C ALA A 166 -12.63 4.99 -14.00
N LEU A 167 -13.61 5.50 -14.73
CA LEU A 167 -13.49 6.84 -15.33
C LEU A 167 -14.43 7.81 -14.65
N ASP A 168 -13.98 9.05 -14.47
CA ASP A 168 -14.89 10.10 -14.04
C ASP A 168 -15.98 10.27 -15.13
N PRO A 169 -17.23 10.58 -14.74
CA PRO A 169 -18.37 10.45 -15.67
C PRO A 169 -18.22 11.29 -16.93
N GLU A 170 -17.61 12.45 -16.73
CA GLU A 170 -17.20 13.41 -17.75
C GLU A 170 -16.33 12.79 -18.82
N MET A 171 -15.78 11.59 -18.54
CA MET A 171 -14.81 10.94 -19.43
C MET A 171 -15.44 9.73 -20.11
N VAL A 172 -16.59 9.24 -19.62
CA VAL A 172 -17.14 8.02 -20.22
C VAL A 172 -17.43 8.07 -21.73
N LYS A 173 -18.07 9.13 -22.19
CA LYS A 173 -18.66 9.09 -23.52
C LYS A 173 -17.60 8.97 -24.63
N GLU A 174 -16.48 9.68 -24.50
CA GLU A 174 -15.44 9.61 -25.53
C GLU A 174 -14.89 8.21 -25.67
N VAL A 175 -14.75 7.48 -24.56
CA VAL A 175 -14.26 6.11 -24.70
C VAL A 175 -15.34 5.23 -25.35
N LEU A 176 -16.58 5.42 -24.92
CA LEU A 176 -17.68 4.62 -25.44
C LEU A 176 -17.81 4.81 -26.95
N ASN A 177 -17.64 6.05 -27.40
CA ASN A 177 -17.68 6.36 -28.82
C ASN A 177 -16.71 5.50 -29.63
N VAL A 178 -15.48 5.40 -29.15
CA VAL A 178 -14.47 4.62 -29.85
C VAL A 178 -15.01 3.20 -29.95
N MET A 179 -15.50 2.66 -28.83
CA MET A 179 -16.01 1.31 -28.85
C MET A 179 -17.11 1.17 -29.88
N LYS A 180 -18.01 2.15 -29.90
CA LYS A 180 -19.15 2.12 -30.83
C LYS A 180 -18.63 2.09 -32.24
N GLN A 181 -17.65 2.96 -32.51
CA GLN A 181 -17.06 3.00 -33.83
C GLN A 181 -16.50 1.63 -34.22
N LEU A 182 -15.78 0.99 -33.31
CA LEU A 182 -15.26 -0.35 -33.60
C LEU A 182 -16.40 -1.29 -33.95
N ALA A 183 -17.49 -1.23 -33.19
CA ALA A 183 -18.58 -2.16 -33.44
C ALA A 183 -19.16 -1.94 -34.86
N ASN A 184 -19.28 -0.67 -35.25
CA ASN A 184 -19.82 -0.31 -36.55
C ASN A 184 -18.91 -0.72 -37.68
N GLU A 185 -17.64 -0.96 -37.38
CA GLU A 185 -16.72 -1.35 -38.44
C GLU A 185 -16.59 -2.87 -38.53
N GLY A 186 -17.47 -3.58 -37.84
CA GLY A 186 -17.54 -5.02 -37.96
C GLY A 186 -16.68 -5.82 -37.01
N MET A 187 -16.02 -5.15 -36.07
CA MET A 187 -15.18 -5.84 -35.07
C MET A 187 -15.98 -6.79 -34.16
N THR A 188 -15.48 -8.01 -33.97
CA THR A 188 -16.09 -8.91 -32.99
C THR A 188 -15.72 -8.48 -31.55
N MET A 189 -16.72 -8.35 -30.69
CA MET A 189 -16.55 -7.73 -29.38
C MET A 189 -17.29 -8.47 -28.30
N VAL A 190 -16.60 -8.70 -27.18
CA VAL A 190 -17.27 -9.15 -25.98
C VAL A 190 -17.03 -8.09 -24.95
N VAL A 191 -18.10 -7.47 -24.46
CA VAL A 191 -17.99 -6.33 -23.56
C VAL A 191 -18.70 -6.62 -22.26
N VAL A 192 -17.98 -6.42 -21.16
CA VAL A 192 -18.56 -6.43 -19.83
C VAL A 192 -18.75 -4.97 -19.45
N THR A 193 -19.97 -4.54 -19.09
CA THR A 193 -20.17 -3.13 -18.82
C THR A 193 -21.33 -2.78 -17.89
N HIS A 194 -21.25 -1.56 -17.33
CA HIS A 194 -22.33 -0.94 -16.57
C HIS A 194 -23.10 0.10 -17.40
N GLU A 195 -22.67 0.35 -18.64
CA GLU A 195 -23.30 1.37 -19.47
C GLU A 195 -24.31 0.74 -20.43
N MET A 196 -25.57 0.69 -20.00
CA MET A 196 -26.62 0.02 -20.77
C MET A 196 -26.96 0.76 -22.06
N GLY A 197 -26.63 2.04 -22.12
CA GLY A 197 -26.85 2.81 -23.32
C GLY A 197 -26.09 2.21 -24.48
N PHE A 198 -24.89 1.71 -24.19
CA PHE A 198 -24.02 1.07 -25.17
C PHE A 198 -24.61 -0.25 -25.68
N ALA A 199 -25.07 -1.09 -24.74
CA ALA A 199 -25.69 -2.36 -25.12
C ALA A 199 -26.91 -2.09 -25.99
N ARG A 200 -27.67 -1.03 -25.65
CA ARG A 200 -28.81 -0.62 -26.47
C ARG A 200 -28.36 -0.21 -27.88
N GLU A 201 -27.44 0.75 -27.99
CA GLU A 201 -27.12 1.31 -29.31
C GLU A 201 -26.33 0.36 -30.21
N VAL A 202 -25.50 -0.54 -29.67
CA VAL A 202 -24.68 -1.38 -30.56
C VAL A 202 -24.60 -2.87 -30.23
N GLY A 203 -25.17 -3.31 -29.13
CA GLY A 203 -25.10 -4.72 -28.80
C GLY A 203 -25.94 -5.52 -29.76
N ASP A 204 -25.45 -6.67 -30.17
CA ASP A 204 -26.23 -7.62 -30.94
C ASP A 204 -26.84 -8.61 -29.97
N ARG A 205 -26.14 -8.86 -28.87
CA ARG A 205 -26.63 -9.82 -27.89
C ARG A 205 -26.34 -9.29 -26.51
N VAL A 206 -27.23 -9.55 -25.56
CA VAL A 206 -26.98 -9.19 -24.17
C VAL A 206 -27.13 -10.39 -23.25
N ILE A 207 -26.09 -10.71 -22.49
CA ILE A 207 -26.11 -11.87 -21.61
C ILE A 207 -26.31 -11.40 -20.14
N PHE A 208 -27.37 -11.86 -19.48
CA PHE A 208 -27.54 -11.51 -18.06
C PHE A 208 -27.05 -12.63 -17.15
N MET A 209 -26.03 -12.30 -16.36
CA MET A 209 -25.43 -13.25 -15.41
C MET A 209 -25.68 -12.91 -13.95
N ASP A 210 -25.92 -13.96 -13.19
CA ASP A 210 -26.17 -13.81 -11.78
C ASP A 210 -25.75 -15.08 -11.07
N ASP A 211 -25.20 -14.89 -9.87
CA ASP A 211 -24.66 -15.97 -9.04
C ASP A 211 -23.94 -17.06 -9.87
N GLY A 212 -22.98 -16.64 -10.69
CA GLY A 212 -22.13 -17.55 -11.41
C GLY A 212 -22.76 -18.28 -12.57
N VAL A 213 -23.88 -17.78 -13.07
CA VAL A 213 -24.59 -18.50 -14.10
C VAL A 213 -25.20 -17.53 -15.11
N ILE A 214 -25.30 -17.94 -16.37
CA ILE A 214 -26.14 -17.21 -17.32
C ILE A 214 -27.60 -17.54 -17.02
N VAL A 215 -28.39 -16.56 -16.58
CA VAL A 215 -29.74 -16.87 -16.18
C VAL A 215 -30.68 -16.48 -17.32
N GLU A 216 -30.28 -15.52 -18.13
CA GLU A 216 -31.10 -15.17 -19.30
C GLU A 216 -30.27 -14.43 -20.33
N GLU A 217 -30.58 -14.67 -21.61
CA GLU A 217 -29.91 -13.97 -22.71
C GLU A 217 -30.86 -13.74 -23.87
N GLY A 218 -30.54 -12.76 -24.70
CA GLY A 218 -31.40 -12.41 -25.82
C GLY A 218 -30.90 -11.14 -26.45
N THR A 219 -31.70 -10.56 -27.35
CA THR A 219 -31.31 -9.32 -28.01
C THR A 219 -31.34 -8.17 -27.01
N PRO A 220 -30.76 -7.02 -27.37
CA PRO A 220 -30.92 -5.88 -26.47
C PRO A 220 -32.39 -5.61 -26.14
N GLU A 221 -33.27 -5.58 -27.13
CA GLU A 221 -34.68 -5.22 -26.90
C GLU A 221 -35.39 -6.28 -26.06
N GLU A 222 -35.15 -7.54 -26.37
CA GLU A 222 -35.67 -8.65 -25.58
C GLU A 222 -35.34 -8.51 -24.10
N ILE A 223 -34.07 -8.30 -23.77
CA ILE A 223 -33.64 -8.17 -22.37
C ILE A 223 -34.06 -6.86 -21.70
N PHE A 224 -33.94 -5.73 -22.38
CA PHE A 224 -34.24 -4.45 -21.73
C PHE A 224 -35.74 -4.09 -21.66
N TYR A 225 -36.55 -4.66 -22.55
CA TYR A 225 -37.95 -4.28 -22.64
C TYR A 225 -38.89 -5.45 -22.44
N ARG A 226 -38.40 -6.68 -22.53
CA ARG A 226 -39.31 -7.82 -22.51
C ARG A 226 -38.80 -9.03 -21.76
N ALA A 227 -37.89 -8.82 -20.80
CA ALA A 227 -37.24 -9.91 -20.08
C ALA A 227 -38.22 -10.83 -19.35
N LYS A 228 -38.05 -12.15 -19.49
CA LYS A 228 -39.01 -13.06 -18.88
C LYS A 228 -38.56 -13.64 -17.54
N ASN A 229 -37.26 -13.72 -17.28
CA ASN A 229 -36.84 -14.14 -15.94
C ASN A 229 -36.96 -12.90 -15.06
N GLU A 230 -37.38 -13.05 -13.82
CA GLU A 230 -37.60 -11.83 -13.04
C GLU A 230 -36.37 -11.48 -12.19
N ARG A 231 -35.37 -12.34 -12.18
CA ARG A 231 -34.09 -11.93 -11.65
C ARG A 231 -33.56 -10.82 -12.57
N THR A 232 -33.80 -10.99 -13.87
CA THR A 232 -33.45 -9.99 -14.86
C THR A 232 -34.21 -8.67 -14.62
N ARG A 233 -35.53 -8.78 -14.43
CA ARG A 233 -36.37 -7.62 -14.14
C ARG A 233 -35.96 -6.91 -12.84
N GLU A 234 -35.63 -7.66 -11.79
CA GLU A 234 -35.21 -7.06 -10.53
C GLU A 234 -33.91 -6.26 -10.69
N PHE A 235 -32.89 -6.91 -11.26
CA PHE A 235 -31.59 -6.26 -11.49
C PHE A 235 -31.76 -4.98 -12.32
N LEU A 236 -32.51 -5.13 -13.42
CA LEU A 236 -32.78 -4.00 -14.32
C LEU A 236 -33.55 -2.87 -13.64
N SER A 237 -34.47 -3.22 -12.75
CA SER A 237 -35.22 -2.20 -12.03
C SER A 237 -34.29 -1.43 -11.11
N LYS A 238 -33.29 -2.10 -10.53
CA LYS A 238 -32.32 -1.37 -9.69
C LYS A 238 -31.33 -0.49 -10.45
N ILE A 239 -30.95 -0.88 -11.65
CA ILE A 239 -29.94 -0.08 -12.37
C ILE A 239 -30.46 0.87 -13.45
N LEU A 240 -31.67 0.65 -13.97
CA LEU A 240 -32.22 1.55 -14.97
C LEU A 240 -33.01 2.69 -14.32
N MET B 1 -28.08 30.32 7.63
CA MET B 1 -27.59 29.07 8.21
C MET B 1 -26.17 28.63 7.80
N ILE B 2 -25.91 28.42 6.51
CA ILE B 2 -24.52 28.29 6.08
C ILE B 2 -24.16 29.48 5.21
N PHE B 3 -22.99 30.05 5.45
CA PHE B 3 -22.48 31.13 4.60
C PHE B 3 -20.99 31.01 4.39
N VAL B 4 -20.60 30.34 3.32
CA VAL B 4 -19.22 30.36 2.88
C VAL B 4 -18.94 31.63 2.08
N ASN B 5 -18.01 32.43 2.56
CA ASN B 5 -17.78 33.75 2.00
C ASN B 5 -16.43 33.92 1.34
N ASP B 6 -16.48 33.96 0.01
CA ASP B 6 -15.34 34.19 -0.88
C ASP B 6 -14.10 33.38 -0.52
N VAL B 7 -14.23 32.09 -0.24
CA VAL B 7 -13.04 31.38 0.23
C VAL B 7 -12.14 30.94 -0.91
N TYR B 8 -10.87 30.75 -0.56
CA TYR B 8 -9.81 30.26 -1.44
C TYR B 8 -9.19 29.10 -0.72
N LYS B 9 -8.63 28.14 -1.44
CA LYS B 9 -7.82 27.08 -0.80
C LYS B 9 -6.64 26.67 -1.69
N ASN B 10 -5.49 26.43 -1.08
CA ASN B 10 -4.31 25.89 -1.76
C ASN B 10 -3.86 24.57 -1.17
N PHE B 11 -3.42 23.65 -2.02
CA PHE B 11 -2.55 22.57 -1.58
C PHE B 11 -1.21 22.68 -2.34
N GLY B 12 -0.20 23.21 -1.67
CA GLY B 12 1.04 23.54 -2.34
C GLY B 12 0.78 24.67 -3.33
N SER B 13 1.20 24.47 -4.58
CA SER B 13 0.96 25.48 -5.61
C SER B 13 -0.31 25.14 -6.39
N LEU B 14 -0.96 24.05 -6.00
CA LEU B 14 -2.18 23.60 -6.65
C LEU B 14 -3.36 24.36 -6.11
N GLU B 15 -3.99 25.15 -6.96
CA GLU B 15 -5.15 25.94 -6.52
C GLU B 15 -6.47 25.23 -6.77
N VAL B 16 -7.13 24.85 -5.68
CA VAL B 16 -8.38 24.10 -5.73
C VAL B 16 -9.62 25.00 -5.62
N LEU B 17 -9.66 25.92 -4.66
CA LEU B 17 -10.76 26.89 -4.62
C LEU B 17 -10.27 28.32 -4.88
N LYS B 18 -10.85 29.02 -5.84
CA LYS B 18 -10.32 30.32 -6.25
C LYS B 18 -11.29 31.46 -6.04
N GLY B 19 -11.89 31.56 -4.87
CA GLY B 19 -12.88 32.59 -4.62
C GLY B 19 -14.27 32.02 -4.82
N VAL B 20 -14.83 31.43 -3.79
CA VAL B 20 -16.16 30.81 -3.83
C VAL B 20 -17.14 31.32 -2.75
N THR B 21 -18.40 31.52 -3.12
CA THR B 21 -19.44 31.96 -2.18
C THR B 21 -20.67 31.04 -2.19
N LEU B 22 -21.11 30.59 -1.02
CA LEU B 22 -22.23 29.67 -0.95
C LEU B 22 -23.13 30.00 0.25
N LYS B 23 -24.43 30.20 0.03
CA LYS B 23 -25.38 30.45 1.12
C LYS B 23 -26.42 29.34 1.15
N VAL B 24 -26.67 28.75 2.32
CA VAL B 24 -27.68 27.71 2.43
C VAL B 24 -28.65 28.02 3.58
N ASN B 25 -29.95 28.06 3.29
CA ASN B 25 -30.94 28.33 4.34
C ASN B 25 -31.62 27.05 4.77
N LYS B 26 -32.26 27.07 5.94
CA LYS B 26 -32.83 25.85 6.50
C LYS B 26 -33.84 25.23 5.53
N GLY B 27 -33.72 23.93 5.29
CA GLY B 27 -34.66 23.22 4.43
C GLY B 27 -34.24 23.00 2.97
N GLU B 28 -33.25 23.76 2.51
CA GLU B 28 -32.78 23.60 1.14
C GLU B 28 -32.07 22.25 0.93
N VAL B 29 -32.27 21.65 -0.25
CA VAL B 29 -31.36 20.61 -0.74
C VAL B 29 -30.55 21.22 -1.88
N VAL B 30 -29.27 21.47 -1.60
CA VAL B 30 -28.35 22.03 -2.58
C VAL B 30 -27.43 20.94 -3.10
N VAL B 31 -27.40 20.78 -4.42
CA VAL B 31 -26.61 19.75 -5.08
C VAL B 31 -25.52 20.42 -5.91
N ILE B 32 -24.28 20.05 -5.63
CA ILE B 32 -23.13 20.61 -6.32
C ILE B 32 -22.59 19.62 -7.36
N ILE B 33 -22.40 20.08 -8.59
CA ILE B 33 -21.92 19.21 -9.65
C ILE B 33 -20.73 19.83 -10.36
N GLY B 34 -20.04 19.04 -11.15
CA GLY B 34 -18.91 19.56 -11.91
C GLY B 34 -17.89 18.50 -12.24
N PRO B 35 -16.96 18.81 -13.18
CA PRO B 35 -15.91 17.86 -13.54
C PRO B 35 -14.95 17.64 -12.37
N SER B 36 -14.19 16.55 -12.41
CA SER B 36 -13.22 16.24 -11.36
C SER B 36 -12.13 17.33 -11.34
N GLY B 37 -11.75 17.78 -10.15
CA GLY B 37 -10.82 18.89 -10.05
C GLY B 37 -11.49 20.25 -10.10
N SER B 38 -12.81 20.26 -10.04
CA SER B 38 -13.55 21.52 -9.98
C SER B 38 -13.46 22.19 -8.63
N GLY B 39 -13.30 21.37 -7.60
CA GLY B 39 -13.31 21.89 -6.25
C GLY B 39 -14.57 21.56 -5.47
N LYS B 40 -15.47 20.78 -6.05
CA LYS B 40 -16.71 20.37 -5.38
C LYS B 40 -16.53 19.92 -3.94
N SER B 41 -15.67 18.92 -3.79
CA SER B 41 -15.54 18.24 -2.50
C SER B 41 -14.81 19.11 -1.49
N THR B 42 -13.89 19.94 -1.97
CA THR B 42 -13.18 20.85 -1.10
C THR B 42 -14.10 21.92 -0.51
N LEU B 43 -14.99 22.46 -1.33
CA LEU B 43 -15.90 23.49 -0.86
C LEU B 43 -16.82 22.80 0.12
N LEU B 44 -17.26 21.59 -0.20
CA LEU B 44 -18.13 20.85 0.72
C LEU B 44 -17.46 20.67 2.08
N ARG B 45 -16.17 20.41 2.08
CA ARG B 45 -15.44 20.13 3.31
C ARG B 45 -15.00 21.39 4.06
N CYS B 46 -15.10 22.56 3.42
CA CYS B 46 -14.94 23.81 4.18
C CYS B 46 -16.09 24.07 5.15
N ILE B 47 -17.28 23.53 4.84
CA ILE B 47 -18.48 23.84 5.61
C ILE B 47 -18.34 23.40 7.07
N ASN B 48 -17.80 22.20 7.31
CA ASN B 48 -17.57 21.71 8.67
C ASN B 48 -16.08 21.70 9.04
N LEU B 49 -15.33 22.53 8.32
CA LEU B 49 -13.90 22.75 8.56
C LEU B 49 -12.99 21.51 8.56
N LEU B 50 -13.30 20.50 7.76
CA LEU B 50 -12.34 19.45 7.43
C LEU B 50 -11.23 19.96 6.51
N GLU B 51 -11.44 21.10 5.88
CA GLU B 51 -10.35 21.87 5.30
C GLU B 51 -10.37 23.26 5.90
N GLU B 52 -9.25 23.98 5.88
CA GLU B 52 -9.32 25.37 6.27
C GLU B 52 -8.91 26.28 5.13
N PRO B 53 -9.76 27.28 4.88
CA PRO B 53 -9.52 28.21 3.79
C PRO B 53 -8.24 29.02 4.01
N THR B 54 -7.46 29.17 2.95
CA THR B 54 -6.32 30.07 2.95
C THR B 54 -6.77 31.52 3.20
N LYS B 55 -7.92 31.90 2.63
CA LYS B 55 -8.59 33.18 2.90
C LYS B 55 -10.10 32.95 2.92
N GLY B 56 -10.87 34.00 3.14
CA GLY B 56 -12.31 33.91 3.19
C GLY B 56 -12.84 33.39 4.51
N GLU B 57 -14.16 33.34 4.67
CA GLU B 57 -14.67 32.97 5.97
C GLU B 57 -15.85 32.02 5.90
N VAL B 58 -16.03 31.19 6.93
CA VAL B 58 -17.13 30.24 6.98
C VAL B 58 -18.03 30.53 8.16
N PHE B 59 -19.29 30.87 7.90
CA PHE B 59 -20.25 31.15 8.97
C PHE B 59 -21.28 30.05 9.12
N ILE B 60 -21.46 29.54 10.32
CA ILE B 60 -22.56 28.63 10.61
C ILE B 60 -23.46 29.31 11.65
N ASP B 61 -24.73 29.52 11.28
CA ASP B 61 -25.70 30.20 12.15
C ASP B 61 -25.26 31.60 12.58
N GLY B 62 -24.61 32.33 11.69
CA GLY B 62 -24.21 33.70 11.95
C GLY B 62 -22.88 33.82 12.65
N VAL B 63 -22.27 32.67 12.96
CA VAL B 63 -21.01 32.60 13.71
C VAL B 63 -19.79 32.19 12.88
N LYS B 64 -18.81 33.08 12.74
CA LYS B 64 -17.57 32.74 12.03
C LYS B 64 -16.86 31.60 12.77
N ILE B 65 -16.46 30.55 12.05
CA ILE B 65 -15.88 29.38 12.70
C ILE B 65 -14.45 29.10 12.30
N ASN B 66 -13.90 29.86 11.36
CA ASN B 66 -12.48 29.70 11.03
C ASN B 66 -11.70 30.94 11.47
N ASN B 67 -11.90 31.34 12.73
CA ASN B 67 -11.11 32.40 13.35
C ASN B 67 -10.31 31.86 14.55
N GLY B 68 -10.45 30.56 14.80
CA GLY B 68 -9.76 29.94 15.93
C GLY B 68 -10.21 30.43 17.29
N LYS B 69 -11.28 31.24 17.30
CA LYS B 69 -11.86 31.77 18.54
C LYS B 69 -13.20 31.08 18.82
N VAL B 70 -13.30 29.84 18.38
CA VAL B 70 -14.54 29.05 18.49
C VAL B 70 -14.21 27.56 18.60
N ASN B 71 -15.10 26.79 19.22
CA ASN B 71 -14.90 25.35 19.43
C ASN B 71 -15.51 24.56 18.26
N ILE B 72 -14.68 23.78 17.57
CA ILE B 72 -15.09 23.17 16.30
C ILE B 72 -15.95 21.92 16.51
N ASN B 73 -15.79 21.27 17.66
CA ASN B 73 -16.56 20.07 17.98
C ASN B 73 -18.02 20.43 18.18
N LYS B 74 -18.22 21.62 18.74
CA LYS B 74 -19.54 22.14 18.97
C LYS B 74 -20.19 22.44 17.62
N VAL B 75 -19.39 22.83 16.63
CA VAL B 75 -19.89 23.06 15.27
C VAL B 75 -20.30 21.74 14.61
N ARG B 76 -19.37 20.80 14.57
CA ARG B 76 -19.60 19.52 13.91
C ARG B 76 -20.63 18.67 14.63
N GLN B 77 -21.01 19.09 15.82
CA GLN B 77 -22.08 18.45 16.52
C GLN B 77 -23.39 18.65 15.76
N LYS B 78 -23.54 19.85 15.22
CA LYS B 78 -24.72 20.25 14.47
C LYS B 78 -24.62 19.93 12.98
N VAL B 79 -23.40 19.77 12.48
CA VAL B 79 -23.15 19.57 11.04
C VAL B 79 -22.67 18.16 10.69
N GLY B 80 -23.59 17.32 10.22
CA GLY B 80 -23.27 15.95 9.86
C GLY B 80 -22.51 15.79 8.55
N MET B 81 -21.92 14.63 8.34
CA MET B 81 -21.09 14.37 7.17
C MET B 81 -21.04 12.88 6.80
N VAL B 82 -21.34 12.61 5.54
CA VAL B 82 -21.33 11.27 5.01
C VAL B 82 -20.25 11.22 3.93
N PHE B 83 -19.46 10.14 3.96
CA PHE B 83 -18.20 10.06 3.22
C PHE B 83 -18.28 9.12 2.00
N GLN B 84 -17.56 9.46 0.93
CA GLN B 84 -17.51 8.60 -0.25
C GLN B 84 -17.18 7.14 0.10
N HIS B 85 -16.17 6.93 0.94
CA HIS B 85 -15.78 5.56 1.24
C HIS B 85 -16.22 5.16 2.63
N PHE B 86 -17.30 5.79 3.10
CA PHE B 86 -18.06 5.37 4.28
C PHE B 86 -17.39 5.73 5.60
N ASN B 87 -16.13 5.32 5.76
CA ASN B 87 -15.38 5.54 6.99
C ASN B 87 -16.11 4.97 8.21
N LEU B 88 -16.68 3.79 8.07
CA LEU B 88 -17.19 3.08 9.25
C LEU B 88 -16.07 2.63 10.17
N PHE B 89 -16.36 2.64 11.47
CA PHE B 89 -15.45 2.15 12.49
C PHE B 89 -15.50 0.61 12.48
N PRO B 90 -14.40 -0.03 12.03
CA PRO B 90 -14.38 -1.47 11.71
C PRO B 90 -14.47 -2.40 12.92
N HIS B 91 -14.00 -1.95 14.08
CA HIS B 91 -13.99 -2.76 15.31
C HIS B 91 -15.29 -2.69 16.12
N LEU B 92 -16.24 -1.89 15.66
CA LEU B 92 -17.51 -1.73 16.34
C LEU B 92 -18.62 -2.34 15.52
N THR B 93 -19.57 -2.97 16.21
CA THR B 93 -20.77 -3.52 15.58
C THR B 93 -21.67 -2.37 15.01
N ALA B 94 -22.73 -2.72 14.29
CA ALA B 94 -23.69 -1.71 13.78
C ALA B 94 -24.21 -0.73 14.84
N ILE B 95 -24.87 -1.25 15.88
CA ILE B 95 -25.39 -0.38 16.93
C ILE B 95 -24.30 0.46 17.50
N GLU B 96 -23.20 -0.21 17.84
CA GLU B 96 -22.10 0.41 18.56
C GLU B 96 -21.57 1.57 17.74
N ASN B 97 -21.49 1.34 16.42
CA ASN B 97 -21.16 2.43 15.50
C ASN B 97 -22.07 3.62 15.72
N ILE B 98 -23.37 3.37 15.72
CA ILE B 98 -24.32 4.47 15.85
C ILE B 98 -24.23 5.18 17.21
N THR B 99 -24.15 4.40 18.28
CA THR B 99 -24.19 4.91 19.65
C THR B 99 -22.88 5.49 20.19
N LEU B 100 -21.75 5.19 19.55
CA LEU B 100 -20.48 5.71 20.06
C LEU B 100 -20.50 7.22 20.28
N ALA B 101 -20.67 8.01 19.25
CA ALA B 101 -20.60 9.45 19.43
C ALA B 101 -21.67 10.03 20.38
N PRO B 102 -22.94 9.57 20.27
CA PRO B 102 -23.90 10.13 21.23
C PRO B 102 -23.57 9.85 22.70
N VAL B 103 -23.13 8.63 23.02
CA VAL B 103 -22.81 8.27 24.40
C VAL B 103 -21.63 9.05 24.96
N LYS B 104 -20.57 9.19 24.16
CA LYS B 104 -19.34 9.82 24.63
C LYS B 104 -19.29 11.35 24.41
N VAL B 105 -20.06 11.88 23.47
CA VAL B 105 -20.01 13.31 23.16
C VAL B 105 -21.16 14.10 23.80
N LYS B 106 -22.37 13.59 23.64
CA LYS B 106 -23.59 14.17 24.21
C LYS B 106 -23.82 13.63 25.61
N LYS B 107 -23.06 12.61 26.00
CA LYS B 107 -23.23 11.95 27.29
C LYS B 107 -24.61 11.34 27.52
N MET B 108 -25.25 10.86 26.46
CA MET B 108 -26.54 10.19 26.56
C MET B 108 -26.53 8.92 27.39
N ASN B 109 -27.68 8.62 27.97
CA ASN B 109 -27.94 7.38 28.69
C ASN B 109 -27.75 6.24 27.71
N LYS B 110 -27.10 5.14 28.10
CA LYS B 110 -26.73 4.17 27.08
C LYS B 110 -27.91 3.37 26.50
N LYS B 111 -29.03 3.24 27.21
CA LYS B 111 -30.15 2.50 26.64
C LYS B 111 -31.15 3.47 25.96
N GLU B 112 -31.00 4.78 26.22
CA GLU B 112 -31.67 5.75 25.40
C GLU B 112 -30.92 5.88 24.09
N ALA B 113 -29.61 5.68 24.18
CA ALA B 113 -28.78 5.51 23.02
C ALA B 113 -29.19 4.29 22.22
N GLU B 114 -29.39 3.16 22.91
CA GLU B 114 -29.72 1.96 22.16
C GLU B 114 -31.13 1.96 21.60
N GLU B 115 -32.04 2.75 22.17
CA GLU B 115 -33.34 2.88 21.48
C GLU B 115 -33.28 3.85 20.28
N LEU B 116 -32.48 4.91 20.40
CA LEU B 116 -32.25 5.78 19.25
C LEU B 116 -31.61 4.98 18.10
N ALA B 117 -30.61 4.18 18.43
CA ALA B 117 -29.96 3.31 17.47
C ALA B 117 -30.89 2.26 16.87
N VAL B 118 -31.70 1.58 17.67
CA VAL B 118 -32.53 0.58 16.99
C VAL B 118 -33.63 1.20 16.11
N ASP B 119 -34.11 2.41 16.43
CA ASP B 119 -35.09 2.97 15.49
C ASP B 119 -34.41 3.59 14.25
N LEU B 120 -33.17 4.06 14.39
CA LEU B 120 -32.46 4.44 13.19
C LEU B 120 -32.15 3.23 12.31
N LEU B 121 -31.72 2.12 12.91
CA LEU B 121 -31.50 0.91 12.13
C LEU B 121 -32.79 0.51 11.39
N ALA B 122 -33.94 0.60 12.08
CA ALA B 122 -35.21 0.32 11.40
C ALA B 122 -35.48 1.28 10.22
N LYS B 123 -35.18 2.56 10.44
CA LYS B 123 -35.43 3.60 9.46
C LYS B 123 -34.72 3.34 8.13
N VAL B 124 -33.43 3.06 8.19
CA VAL B 124 -32.69 2.83 6.97
C VAL B 124 -32.77 1.35 6.58
N GLY B 125 -33.55 0.60 7.33
CA GLY B 125 -33.79 -0.79 6.99
C GLY B 125 -32.60 -1.70 7.22
N LEU B 126 -31.98 -1.54 8.39
CA LEU B 126 -30.82 -2.35 8.77
C LEU B 126 -31.04 -3.00 10.13
N LEU B 127 -32.29 -3.13 10.55
CA LEU B 127 -32.59 -3.58 11.91
C LEU B 127 -32.25 -5.05 12.07
N ASP B 128 -32.16 -5.76 10.94
CA ASP B 128 -31.92 -7.18 10.92
C ASP B 128 -30.44 -7.40 11.18
N LYS B 129 -29.67 -6.32 11.09
CA LYS B 129 -28.22 -6.42 11.16
C LYS B 129 -27.57 -5.65 12.32
N LYS B 130 -28.37 -5.36 13.32
CA LYS B 130 -27.89 -4.56 14.41
C LYS B 130 -26.55 -4.99 14.96
N ASP B 131 -26.28 -6.28 14.94
CA ASP B 131 -25.14 -6.80 15.66
C ASP B 131 -23.96 -7.23 14.81
N GLN B 132 -24.14 -7.30 13.51
CA GLN B 132 -23.07 -7.65 12.60
C GLN B 132 -21.97 -6.63 12.62
N TYR B 133 -20.86 -6.99 12.02
CA TYR B 133 -19.76 -6.10 11.88
C TYR B 133 -19.72 -5.64 10.46
N PRO B 134 -19.24 -4.44 10.27
CA PRO B 134 -19.16 -3.80 8.95
C PRO B 134 -18.59 -4.69 7.81
N ILE B 135 -17.63 -5.57 8.10
CA ILE B 135 -17.01 -6.38 7.06
C ILE B 135 -18.07 -7.25 6.34
N LYS B 136 -19.15 -7.57 7.05
CA LYS B 136 -20.19 -8.46 6.54
C LYS B 136 -21.35 -7.63 6.00
N LEU B 137 -21.03 -6.36 5.72
CA LEU B 137 -21.94 -5.44 5.04
C LEU B 137 -21.56 -5.21 3.57
N SER B 138 -22.59 -5.14 2.74
CA SER B 138 -22.47 -4.71 1.36
C SER B 138 -22.25 -3.21 1.30
N GLY B 139 -21.87 -2.71 0.14
CA GLY B 139 -21.68 -1.28 -0.03
C GLY B 139 -22.89 -0.44 0.31
N GLY B 140 -24.05 -0.86 -0.19
CA GLY B 140 -25.30 -0.21 0.10
C GLY B 140 -25.64 -0.24 1.58
N GLN B 141 -25.47 -1.40 2.21
CA GLN B 141 -25.72 -1.52 3.64
C GLN B 141 -24.76 -0.61 4.41
N LYS B 142 -23.50 -0.56 3.97
CA LYS B 142 -22.52 0.28 4.63
C LYS B 142 -22.93 1.74 4.59
N GLN B 143 -23.34 2.21 3.42
CA GLN B 143 -23.59 3.64 3.31
C GLN B 143 -24.85 4.01 4.07
N ARG B 144 -25.84 3.13 4.00
CA ARG B 144 -27.04 3.33 4.79
C ARG B 144 -26.67 3.39 6.30
N LEU B 145 -25.79 2.51 6.77
CA LEU B 145 -25.37 2.55 8.18
C LEU B 145 -24.61 3.83 8.56
N ALA B 146 -23.69 4.28 7.69
CA ALA B 146 -22.99 5.55 7.92
C ALA B 146 -24.00 6.69 8.06
N ILE B 147 -25.05 6.66 7.25
CA ILE B 147 -26.11 7.66 7.36
C ILE B 147 -26.83 7.56 8.73
N ALA B 148 -27.15 6.33 9.16
CA ALA B 148 -27.80 6.16 10.46
C ALA B 148 -26.93 6.77 11.58
N ARG B 149 -25.67 6.39 11.59
CA ARG B 149 -24.68 6.92 12.51
C ARG B 149 -24.63 8.44 12.51
N ALA B 150 -24.63 9.04 11.31
CA ALA B 150 -24.55 10.50 11.21
C ALA B 150 -25.74 11.16 11.85
N LEU B 151 -26.93 10.60 11.57
CA LEU B 151 -28.21 11.11 12.06
C LEU B 151 -28.38 10.94 13.57
N ALA B 152 -27.77 9.90 14.14
CA ALA B 152 -27.89 9.70 15.59
C ALA B 152 -27.37 10.87 16.44
N MET B 153 -26.49 11.69 15.87
CA MET B 153 -26.04 12.92 16.50
C MET B 153 -26.95 14.09 16.17
N GLN B 154 -28.01 13.80 15.41
CA GLN B 154 -29.14 14.73 15.18
C GLN B 154 -28.75 16.11 14.66
N PRO B 155 -28.08 16.17 13.49
CA PRO B 155 -27.66 17.49 13.02
C PRO B 155 -28.77 18.33 12.38
N GLU B 156 -28.48 19.61 12.19
CA GLU B 156 -29.40 20.50 11.50
C GLU B 156 -29.09 20.64 10.01
N VAL B 157 -27.87 20.26 9.60
CA VAL B 157 -27.51 20.17 8.18
C VAL B 157 -26.68 18.89 7.95
N MET B 158 -26.87 18.27 6.78
CA MET B 158 -26.11 17.08 6.42
C MET B 158 -25.26 17.29 5.18
N LEU B 159 -23.98 16.98 5.30
CA LEU B 159 -23.08 17.12 4.18
C LEU B 159 -22.79 15.75 3.55
N PHE B 160 -22.97 15.67 2.23
CA PHE B 160 -22.77 14.40 1.53
C PHE B 160 -21.67 14.52 0.48
N ASP B 161 -20.55 13.85 0.74
CA ASP B 161 -19.41 13.91 -0.16
C ASP B 161 -19.35 12.67 -1.04
N GLU B 162 -20.03 12.78 -2.19
CA GLU B 162 -20.21 11.75 -3.21
C GLU B 162 -20.57 10.37 -2.67
N PRO B 163 -21.65 10.28 -1.90
CA PRO B 163 -21.96 9.07 -1.13
C PRO B 163 -22.24 7.79 -1.94
N THR B 164 -22.50 7.90 -3.24
CA THR B 164 -22.79 6.70 -4.06
C THR B 164 -21.66 6.31 -5.05
N SER B 165 -20.62 7.13 -5.18
CA SER B 165 -19.58 6.96 -6.18
C SER B 165 -18.74 5.69 -6.04
N ALA B 166 -18.80 5.04 -4.89
CA ALA B 166 -18.05 3.81 -4.66
C ALA B 166 -18.98 2.60 -4.50
N LEU B 167 -20.15 2.68 -5.13
CA LEU B 167 -21.14 1.62 -4.99
C LEU B 167 -21.36 0.89 -6.32
N ASP B 168 -21.58 -0.41 -6.24
CA ASP B 168 -22.00 -1.16 -7.40
C ASP B 168 -23.32 -0.59 -7.89
N PRO B 169 -23.55 -0.61 -9.21
CA PRO B 169 -24.72 0.12 -9.70
C PRO B 169 -26.03 -0.41 -9.13
N GLU B 170 -26.17 -1.74 -9.01
CA GLU B 170 -27.37 -2.33 -8.41
C GLU B 170 -27.64 -1.82 -6.98
N MET B 171 -26.69 -1.07 -6.42
CA MET B 171 -26.78 -0.62 -5.01
C MET B 171 -26.93 0.89 -4.81
N VAL B 172 -26.73 1.67 -5.85
CA VAL B 172 -26.84 3.13 -5.74
C VAL B 172 -28.21 3.59 -5.21
N LYS B 173 -29.28 3.04 -5.75
CA LYS B 173 -30.59 3.64 -5.53
C LYS B 173 -31.08 3.41 -4.09
N GLU B 174 -30.72 2.33 -3.39
CA GLU B 174 -31.18 2.24 -1.99
C GLU B 174 -30.62 3.38 -1.09
N VAL B 175 -29.38 3.75 -1.33
CA VAL B 175 -28.76 4.87 -0.62
C VAL B 175 -29.45 6.15 -1.07
N LEU B 176 -29.71 6.26 -2.38
CA LEU B 176 -30.40 7.44 -2.92
C LEU B 176 -31.80 7.62 -2.36
N ASN B 177 -32.52 6.51 -2.23
CA ASN B 177 -33.83 6.51 -1.63
C ASN B 177 -33.75 7.03 -0.18
N VAL B 178 -32.81 6.52 0.61
CA VAL B 178 -32.69 7.03 1.98
C VAL B 178 -32.45 8.55 1.99
N MET B 179 -31.47 9.01 1.21
CA MET B 179 -31.20 10.46 1.15
C MET B 179 -32.45 11.26 0.74
N LYS B 180 -33.21 10.75 -0.25
CA LYS B 180 -34.41 11.44 -0.78
C LYS B 180 -35.42 11.59 0.34
N GLN B 181 -35.62 10.50 1.06
CA GLN B 181 -36.50 10.47 2.23
C GLN B 181 -36.09 11.54 3.26
N LEU B 182 -34.80 11.67 3.48
CA LEU B 182 -34.35 12.78 4.31
C LEU B 182 -34.77 14.11 3.72
N ALA B 183 -34.64 14.26 2.39
CA ALA B 183 -34.98 15.54 1.75
C ALA B 183 -36.47 15.86 1.94
N ASN B 184 -37.30 14.83 1.76
CA ASN B 184 -38.74 14.92 1.91
C ASN B 184 -39.15 15.23 3.35
N GLU B 185 -38.29 14.92 4.30
CA GLU B 185 -38.61 15.22 5.68
C GLU B 185 -38.06 16.57 6.07
N GLY B 186 -37.55 17.33 5.11
CA GLY B 186 -37.15 18.69 5.40
C GLY B 186 -35.74 18.97 5.88
N MET B 187 -34.87 17.95 5.82
CA MET B 187 -33.48 18.11 6.20
C MET B 187 -32.71 19.10 5.31
N THR B 188 -31.89 19.96 5.89
CA THR B 188 -30.97 20.79 5.11
C THR B 188 -29.83 19.90 4.65
N MET B 189 -29.47 19.97 3.37
CA MET B 189 -28.51 19.04 2.77
C MET B 189 -27.60 19.72 1.77
N VAL B 190 -26.30 19.46 1.85
CA VAL B 190 -25.46 19.88 0.73
C VAL B 190 -24.88 18.60 0.14
N VAL B 191 -25.17 18.34 -1.13
CA VAL B 191 -24.81 17.06 -1.75
C VAL B 191 -23.88 17.28 -2.93
N VAL B 192 -22.74 16.62 -2.94
CA VAL B 192 -21.88 16.58 -4.11
C VAL B 192 -22.09 15.23 -4.76
N THR B 193 -22.48 15.20 -6.04
CA THR B 193 -22.86 13.95 -6.66
C THR B 193 -22.66 13.84 -8.18
N HIS B 194 -22.62 12.59 -8.63
CA HIS B 194 -22.62 12.26 -10.06
C HIS B 194 -24.00 11.80 -10.48
N GLU B 195 -24.90 11.68 -9.51
CA GLU B 195 -26.23 11.18 -9.79
C GLU B 195 -27.24 12.33 -9.98
N MET B 196 -27.47 12.73 -11.22
CA MET B 196 -28.36 13.86 -11.49
C MET B 196 -29.83 13.53 -11.18
N GLY B 197 -30.19 12.25 -11.16
CA GLY B 197 -31.54 11.85 -10.82
C GLY B 197 -31.96 12.40 -9.45
N PHE B 198 -31.00 12.45 -8.55
CA PHE B 198 -31.29 12.94 -7.23
C PHE B 198 -31.61 14.42 -7.30
N ALA B 199 -30.78 15.20 -8.00
CA ALA B 199 -31.02 16.65 -8.14
C ALA B 199 -32.39 16.89 -8.80
N ARG B 200 -32.72 16.04 -9.75
CA ARG B 200 -34.02 16.10 -10.38
C ARG B 200 -35.14 15.89 -9.39
N GLU B 201 -35.07 14.81 -8.61
CA GLU B 201 -36.22 14.39 -7.81
C GLU B 201 -36.46 15.18 -6.53
N VAL B 202 -35.41 15.70 -5.91
CA VAL B 202 -35.56 16.41 -4.63
C VAL B 202 -34.65 17.63 -4.48
N GLY B 203 -33.87 17.95 -5.49
CA GLY B 203 -32.98 19.09 -5.35
C GLY B 203 -33.71 20.42 -5.36
N ASP B 204 -33.32 21.34 -4.49
CA ASP B 204 -33.84 22.69 -4.62
C ASP B 204 -32.88 23.54 -5.43
N ARG B 205 -31.59 23.25 -5.34
CA ARG B 205 -30.65 24.10 -6.06
C ARG B 205 -29.51 23.28 -6.68
N VAL B 206 -28.99 23.73 -7.82
CA VAL B 206 -27.86 23.06 -8.43
C VAL B 206 -26.71 24.05 -8.72
N ILE B 207 -25.54 23.75 -8.17
CA ILE B 207 -24.35 24.58 -8.32
C ILE B 207 -23.38 23.92 -9.29
N PHE B 208 -23.08 24.56 -10.40
CA PHE B 208 -22.10 23.96 -11.30
C PHE B 208 -20.73 24.61 -11.07
N MET B 209 -19.77 23.78 -10.64
CA MET B 209 -18.42 24.25 -10.37
C MET B 209 -17.45 23.74 -11.44
N ASP B 210 -16.50 24.58 -11.79
CA ASP B 210 -15.51 24.24 -12.78
C ASP B 210 -14.26 25.03 -12.43
N ASP B 211 -13.11 24.40 -12.57
CA ASP B 211 -11.80 24.98 -12.21
C ASP B 211 -11.81 25.92 -10.98
N GLY B 212 -12.28 25.42 -9.84
CA GLY B 212 -12.25 26.17 -8.59
C GLY B 212 -13.20 27.35 -8.46
N VAL B 213 -14.24 27.39 -9.30
CA VAL B 213 -15.15 28.52 -9.30
C VAL B 213 -16.58 28.02 -9.48
N ILE B 214 -17.55 28.69 -8.87
CA ILE B 214 -18.93 28.47 -9.26
C ILE B 214 -19.22 29.24 -10.54
N VAL B 215 -19.51 28.53 -11.63
CA VAL B 215 -19.60 29.17 -12.93
C VAL B 215 -21.02 29.46 -13.30
N GLU B 216 -21.94 28.67 -12.76
CA GLU B 216 -23.37 28.91 -12.97
C GLU B 216 -24.24 28.19 -11.92
N GLU B 217 -25.35 28.81 -11.53
CA GLU B 217 -26.27 28.14 -10.61
C GLU B 217 -27.73 28.50 -10.90
N GLY B 218 -28.62 27.64 -10.41
CA GLY B 218 -30.03 27.82 -10.64
C GLY B 218 -30.80 26.61 -10.16
N THR B 219 -32.08 26.55 -10.47
CA THR B 219 -32.88 25.40 -10.09
C THR B 219 -32.47 24.22 -10.95
N PRO B 220 -32.88 23.01 -10.54
CA PRO B 220 -32.56 21.84 -11.37
C PRO B 220 -33.04 21.97 -12.83
N GLU B 221 -34.27 22.41 -13.07
CA GLU B 221 -34.78 22.49 -14.44
C GLU B 221 -34.05 23.55 -15.26
N GLU B 222 -33.79 24.69 -14.62
CA GLU B 222 -32.99 25.76 -15.20
C GLU B 222 -31.64 25.25 -15.71
N ILE B 223 -30.91 24.53 -14.87
CA ILE B 223 -29.59 23.97 -15.22
C ILE B 223 -29.65 22.78 -16.22
N PHE B 224 -30.59 21.85 -16.05
CA PHE B 224 -30.57 20.66 -16.89
C PHE B 224 -31.18 20.89 -18.28
N TYR B 225 -32.01 21.93 -18.43
CA TYR B 225 -32.69 22.19 -19.70
C TYR B 225 -32.38 23.53 -20.31
N ARG B 226 -31.87 24.46 -19.52
CA ARG B 226 -31.74 25.83 -20.03
C ARG B 226 -30.48 26.52 -19.58
N ALA B 227 -29.42 25.74 -19.38
CA ALA B 227 -28.14 26.26 -18.89
C ALA B 227 -27.64 27.40 -19.77
N LYS B 228 -27.18 28.50 -19.18
CA LYS B 228 -26.79 29.64 -20.02
C LYS B 228 -25.30 29.71 -20.36
N ASN B 229 -24.43 29.28 -19.44
CA ASN B 229 -22.96 29.30 -19.65
C ASN B 229 -22.43 28.14 -20.48
N GLU B 230 -21.35 28.39 -21.21
CA GLU B 230 -20.85 27.41 -22.17
C GLU B 230 -20.09 26.23 -21.55
N ARG B 231 -19.43 26.47 -20.42
CA ARG B 231 -18.84 25.37 -19.68
C ARG B 231 -19.89 24.41 -19.13
N THR B 232 -21.00 24.95 -18.64
CA THR B 232 -22.11 24.13 -18.15
C THR B 232 -22.64 23.22 -19.27
N ARG B 233 -22.89 23.81 -20.43
CA ARG B 233 -23.34 23.05 -21.57
C ARG B 233 -22.34 21.96 -21.97
N GLU B 234 -21.04 22.26 -21.97
CA GLU B 234 -20.04 21.25 -22.29
C GLU B 234 -20.09 20.07 -21.32
N PHE B 235 -20.02 20.40 -20.03
CA PHE B 235 -20.04 19.38 -19.00
C PHE B 235 -21.27 18.49 -19.10
N LEU B 236 -22.45 19.13 -19.16
CA LEU B 236 -23.72 18.42 -19.24
C LEU B 236 -23.85 17.58 -20.49
N SER B 237 -23.33 18.07 -21.61
CA SER B 237 -23.38 17.30 -22.85
C SER B 237 -22.57 16.03 -22.71
N LYS B 238 -21.45 16.10 -21.96
CA LYS B 238 -20.66 14.89 -21.71
C LYS B 238 -21.29 13.96 -20.67
N ILE B 239 -22.01 14.50 -19.69
CA ILE B 239 -22.56 13.65 -18.62
C ILE B 239 -24.07 13.30 -18.73
N LEU B 240 -24.85 14.06 -19.49
CA LEU B 240 -26.28 13.72 -19.66
C LEU B 240 -26.46 12.72 -20.80
N MET C 1 41.92 -30.04 14.66
CA MET C 1 42.29 -31.15 13.78
C MET C 1 41.40 -31.17 12.52
N THR C 2 40.36 -31.99 12.49
CA THR C 2 39.38 -31.92 11.40
C THR C 2 37.94 -32.13 11.87
N VAL C 3 36.97 -31.95 10.98
CA VAL C 3 35.53 -31.95 11.34
C VAL C 3 35.12 -33.18 12.15
N ASP C 4 34.44 -32.96 13.28
CA ASP C 4 33.82 -34.04 14.03
C ASP C 4 32.73 -33.40 14.88
N PHE C 5 31.47 -33.71 14.57
CA PHE C 5 30.36 -33.12 15.30
C PHE C 5 29.96 -33.96 16.51
N LEU C 6 30.26 -35.26 16.51
CA LEU C 6 29.79 -36.09 17.62
C LEU C 6 30.61 -35.80 18.89
N SER C 7 31.87 -35.40 18.71
CA SER C 7 32.68 -34.82 19.78
C SER C 7 31.91 -33.73 20.52
N MET C 8 31.13 -32.96 19.77
CA MET C 8 30.43 -31.78 20.29
C MET C 8 29.28 -32.16 21.21
N VAL C 9 28.79 -33.39 21.06
CA VAL C 9 27.57 -33.81 21.75
C VAL C 9 27.52 -33.57 23.26
N LYS C 10 28.60 -33.84 23.99
CA LYS C 10 28.48 -33.75 25.44
C LYS C 10 28.91 -32.35 25.90
N TYR C 11 28.86 -31.40 24.97
CA TYR C 11 28.84 -29.99 25.34
C TYR C 11 27.42 -29.46 25.20
N THR C 12 26.51 -30.38 24.91
CA THR C 12 25.08 -30.07 24.83
C THR C 12 24.59 -29.16 25.97
N PRO C 13 24.96 -29.43 27.23
CA PRO C 13 24.46 -28.53 28.28
C PRO C 13 24.96 -27.10 28.14
N LEU C 14 26.09 -26.92 27.47
CA LEU C 14 26.62 -25.57 27.25
C LEU C 14 25.75 -24.83 26.26
N PHE C 15 25.57 -25.43 25.09
CA PHE C 15 24.72 -24.87 24.05
C PHE C 15 23.34 -24.48 24.60
N ILE C 16 22.68 -25.45 25.25
CA ILE C 16 21.41 -25.19 25.92
C ILE C 16 21.53 -24.00 26.87
N SER C 17 22.55 -23.98 27.71
CA SER C 17 22.72 -22.90 28.69
C SER C 17 22.87 -21.57 27.96
N GLY C 18 23.50 -21.61 26.79
CA GLY C 18 23.64 -20.44 25.95
C GLY C 18 22.28 -20.01 25.45
N LEU C 19 21.54 -20.96 24.89
CA LEU C 19 20.20 -20.71 24.33
C LEU C 19 19.33 -19.98 25.32
N ILE C 20 19.13 -20.59 26.48
CA ILE C 20 18.35 -19.99 27.57
C ILE C 20 18.78 -18.54 27.83
N MET C 21 20.09 -18.31 27.90
CA MET C 21 20.56 -16.97 28.24
C MET C 21 20.15 -15.98 27.14
N THR C 22 20.30 -16.41 25.88
CA THR C 22 19.90 -15.59 24.73
C THR C 22 18.43 -15.22 24.88
N LEU C 23 17.58 -16.14 25.35
CA LEU C 23 16.17 -15.79 25.49
C LEU C 23 16.00 -14.76 26.59
N LYS C 24 16.63 -14.98 27.74
CA LYS C 24 16.34 -14.12 28.90
C LYS C 24 16.99 -12.77 28.78
N LEU C 25 18.00 -12.65 27.95
CA LEU C 25 18.47 -11.33 27.58
C LEU C 25 17.41 -10.68 26.67
N THR C 26 17.02 -11.40 25.61
CA THR C 26 16.15 -10.82 24.59
C THR C 26 14.82 -10.35 25.18
N PHE C 27 14.10 -11.25 25.85
CA PHE C 27 12.87 -10.86 26.54
C PHE C 27 13.12 -9.56 27.26
N LEU C 28 14.04 -9.60 28.20
CA LEU C 28 14.15 -8.46 29.11
C LEU C 28 14.40 -7.18 28.35
N ALA C 29 15.30 -7.23 27.37
CA ALA C 29 15.66 -5.99 26.72
C ALA C 29 14.42 -5.47 26.03
N VAL C 30 13.81 -6.34 25.22
CA VAL C 30 12.64 -5.95 24.45
C VAL C 30 11.58 -5.41 25.41
N THR C 31 11.34 -6.13 26.52
CA THR C 31 10.33 -5.67 27.46
C THR C 31 10.56 -4.22 27.84
N ILE C 32 11.75 -3.92 28.32
CA ILE C 32 12.02 -2.55 28.77
C ILE C 32 11.90 -1.65 27.56
N GLY C 33 12.49 -2.13 26.46
CA GLY C 33 12.51 -1.36 25.24
C GLY C 33 11.12 -1.04 24.77
N VAL C 34 10.16 -1.92 25.09
CA VAL C 34 8.80 -1.67 24.65
C VAL C 34 8.27 -0.53 25.51
N LEU C 35 8.34 -0.68 26.83
CA LEU C 35 7.76 0.31 27.74
C LEU C 35 8.43 1.65 27.52
N MET C 36 9.75 1.63 27.48
CA MET C 36 10.52 2.84 27.22
C MET C 36 10.00 3.45 25.94
N GLY C 37 9.97 2.64 24.89
CA GLY C 37 9.56 3.11 23.57
C GLY C 37 8.16 3.72 23.60
N LEU C 38 7.23 3.04 24.28
CA LEU C 38 5.87 3.53 24.41
C LEU C 38 5.91 4.96 24.91
N PHE C 39 6.69 5.15 25.96
CA PHE C 39 6.74 6.40 26.67
C PHE C 39 7.48 7.40 25.78
N ILE C 40 8.49 6.92 25.06
CA ILE C 40 9.24 7.77 24.14
C ILE C 40 8.26 8.29 23.10
N ALA C 41 7.38 7.41 22.63
CA ALA C 41 6.43 7.78 21.58
C ALA C 41 5.58 8.94 22.08
N LEU C 42 5.12 8.84 23.33
CA LEU C 42 4.19 9.83 23.87
C LEU C 42 4.85 11.19 23.97
N MET C 43 6.18 11.20 24.10
CA MET C 43 6.90 12.46 24.15
C MET C 43 6.84 13.21 22.81
N LYS C 44 6.85 12.45 21.73
CA LYS C 44 6.97 13.00 20.39
C LYS C 44 5.64 13.57 19.93
N MET C 45 4.59 13.23 20.67
CA MET C 45 3.23 13.62 20.34
C MET C 45 2.82 14.89 21.07
N SER C 46 3.66 15.32 22.01
CA SER C 46 3.42 16.56 22.73
C SER C 46 3.63 17.71 21.74
N SER C 47 2.97 18.84 21.99
CA SER C 47 3.10 20.01 21.12
C SER C 47 4.05 21.02 21.77
N ILE C 48 4.59 20.64 22.93
CA ILE C 48 5.69 21.33 23.60
C ILE C 48 7.04 21.22 22.91
N LYS C 49 7.45 22.31 22.24
CA LYS C 49 8.70 22.41 21.46
C LYS C 49 9.95 21.63 21.96
N PRO C 50 10.42 21.86 23.20
CA PRO C 50 11.57 21.11 23.74
C PRO C 50 11.43 19.59 23.79
N ILE C 51 10.31 19.09 24.28
CA ILE C 51 10.12 17.64 24.38
C ILE C 51 10.10 16.98 22.98
N LYS C 52 9.37 17.54 22.01
CA LYS C 52 9.39 16.96 20.66
C LYS C 52 10.80 17.02 20.09
N LEU C 53 11.45 18.19 20.24
CA LEU C 53 12.91 18.30 20.06
C LEU C 53 13.68 17.05 20.43
N VAL C 54 13.68 16.78 21.75
CA VAL C 54 14.59 15.78 22.31
C VAL C 54 14.16 14.31 22.08
N ALA C 55 12.86 14.04 22.07
CA ALA C 55 12.41 12.69 21.71
C ALA C 55 12.82 12.36 20.27
N SER C 56 12.66 13.31 19.35
CA SER C 56 13.01 13.04 17.95
C SER C 56 14.54 12.99 17.71
N SER C 57 15.33 13.76 18.46
CA SER C 57 16.78 13.63 18.26
C SER C 57 17.35 12.38 18.96
N TYR C 58 16.77 11.98 20.09
CA TYR C 58 17.04 10.66 20.68
C TYR C 58 16.82 9.55 19.66
N ILE C 59 15.60 9.50 19.13
CA ILE C 59 15.24 8.50 18.13
C ILE C 59 16.20 8.50 16.93
N GLU C 60 16.42 9.67 16.33
CA GLU C 60 17.28 9.74 15.15
C GLU C 60 18.73 9.33 15.47
N VAL C 61 19.20 9.70 16.66
CA VAL C 61 20.57 9.40 17.09
C VAL C 61 20.78 7.92 17.32
N ILE C 62 19.91 7.29 18.12
CA ILE C 62 20.01 5.86 18.34
C ILE C 62 19.80 5.02 17.08
N ARG C 63 18.91 5.40 16.17
CA ARG C 63 18.72 4.54 15.01
C ARG C 63 19.82 4.75 13.98
N GLY C 64 20.44 5.92 13.98
CA GLY C 64 21.47 6.26 12.99
C GLY C 64 22.89 5.96 13.43
N THR C 65 23.01 5.17 14.49
CA THR C 65 24.27 4.86 15.15
C THR C 65 24.29 3.40 15.52
N PRO C 66 25.44 2.73 15.32
CA PRO C 66 25.52 1.26 15.44
C PRO C 66 25.15 0.75 16.82
N LEU C 67 24.63 -0.47 16.91
CA LEU C 67 24.33 -1.03 18.22
C LEU C 67 25.62 -1.27 19.00
N LEU C 68 26.66 -1.69 18.29
CA LEU C 68 27.92 -2.05 18.93
C LEU C 68 28.51 -0.86 19.68
N VAL C 69 28.58 0.29 19.03
CA VAL C 69 29.11 1.49 19.68
C VAL C 69 28.28 1.87 20.89
N GLN C 70 26.98 1.65 20.87
CA GLN C 70 26.17 1.97 22.07
C GLN C 70 26.48 1.01 23.22
N LEU C 71 26.70 -0.25 22.90
CA LEU C 71 27.03 -1.24 23.91
C LEU C 71 28.35 -0.84 24.59
N LEU C 72 29.37 -0.64 23.77
CA LEU C 72 30.69 -0.24 24.25
C LEU C 72 30.67 1.11 24.99
N LEU C 73 29.82 2.05 24.58
CA LEU C 73 29.76 3.32 25.28
C LEU C 73 29.13 3.15 26.65
N ILE C 74 28.24 2.18 26.79
CA ILE C 74 27.70 1.93 28.12
C ILE C 74 28.75 1.23 28.98
N TYR C 75 29.45 0.26 28.40
CA TYR C 75 30.43 -0.59 29.09
C TYR C 75 31.79 0.09 29.38
N ASN C 76 32.57 0.28 28.32
CA ASN C 76 33.87 0.88 28.42
C ASN C 76 33.84 2.36 28.73
N GLY C 77 32.94 3.10 28.09
CA GLY C 77 32.88 4.53 28.29
C GLY C 77 32.54 4.96 29.70
N LEU C 78 32.09 4.05 30.55
CA LEU C 78 31.66 4.49 31.88
C LEU C 78 32.57 4.05 33.03
N MET C 79 33.66 3.36 32.69
CA MET C 79 34.70 2.99 33.65
C MET C 79 35.36 4.23 34.23
N GLN C 80 35.80 5.11 33.35
CA GLN C 80 36.56 6.28 33.77
C GLN C 80 35.82 7.24 34.71
N PHE C 81 34.54 6.95 34.97
CA PHE C 81 33.80 7.74 35.95
C PHE C 81 33.68 6.94 37.23
N GLY C 82 34.51 5.91 37.31
CA GLY C 82 34.58 5.06 38.49
C GLY C 82 33.32 4.25 38.65
N MET C 83 32.69 3.93 37.53
CA MET C 83 31.52 3.07 37.51
C MET C 83 31.86 1.87 36.65
N ASN C 84 31.73 0.67 37.20
CA ASN C 84 31.88 -0.53 36.38
C ASN C 84 30.68 -1.43 36.52
N ILE C 85 29.80 -1.31 35.55
CA ILE C 85 28.61 -2.12 35.44
C ILE C 85 28.92 -3.51 34.88
N PRO C 86 28.26 -4.54 35.41
CA PRO C 86 28.39 -5.93 34.93
C PRO C 86 28.18 -6.04 33.43
N ALA C 87 28.60 -7.15 32.82
CA ALA C 87 28.38 -7.33 31.40
C ALA C 87 26.88 -7.43 31.07
N PHE C 88 26.15 -8.10 31.94
CA PHE C 88 24.71 -8.34 31.78
C PHE C 88 23.89 -7.05 31.79
N THR C 89 24.00 -6.24 32.85
CA THR C 89 23.23 -5.02 32.89
C THR C 89 23.66 -4.08 31.77
N ALA C 90 24.92 -4.17 31.37
CA ALA C 90 25.41 -3.38 30.25
C ALA C 90 24.68 -3.73 28.95
N GLY C 91 24.64 -5.02 28.64
CA GLY C 91 24.02 -5.54 27.43
C GLY C 91 22.53 -5.25 27.41
N VAL C 92 21.87 -5.56 28.53
CA VAL C 92 20.46 -5.24 28.69
C VAL C 92 20.21 -3.76 28.44
N SER C 93 20.96 -2.88 29.08
CA SER C 93 20.70 -1.45 28.92
C SER C 93 20.89 -0.99 27.47
N ALA C 94 21.93 -1.50 26.83
CA ALA C 94 22.18 -1.13 25.44
C ALA C 94 20.98 -1.57 24.58
N LEU C 95 20.66 -2.86 24.65
CA LEU C 95 19.58 -3.41 23.85
C LEU C 95 18.24 -2.73 24.13
N ALA C 96 17.86 -2.60 25.39
CA ALA C 96 16.60 -1.94 25.73
C ALA C 96 16.55 -0.50 25.25
N ILE C 97 17.67 0.20 25.25
CA ILE C 97 17.69 1.57 24.74
C ILE C 97 17.46 1.60 23.21
N ASN C 98 18.26 0.80 22.50
CA ASN C 98 18.19 0.66 21.04
C ASN C 98 16.77 0.25 20.54
N SER C 99 16.30 -0.84 21.12
CA SER C 99 14.94 -1.33 20.95
C SER C 99 13.91 -0.28 21.34
N SER C 100 14.21 0.55 22.34
CA SER C 100 13.27 1.59 22.72
C SER C 100 13.05 2.53 21.54
N ALA C 101 14.13 2.91 20.85
CA ALA C 101 13.93 3.78 19.66
C ALA C 101 13.12 3.08 18.55
N TYR C 102 13.57 1.89 18.16
CA TYR C 102 12.88 1.20 17.06
C TYR C 102 11.39 0.92 17.39
N VAL C 103 11.08 0.73 18.67
CA VAL C 103 9.69 0.60 19.14
C VAL C 103 8.94 1.94 19.07
N ALA C 104 9.59 3.03 19.45
CA ALA C 104 8.97 4.35 19.37
C ALA C 104 8.45 4.62 17.95
N GLU C 105 9.25 4.31 16.92
CA GLU C 105 8.68 4.55 15.60
C GLU C 105 7.96 3.33 15.01
N ILE C 106 8.02 2.17 15.65
CA ILE C 106 7.00 1.19 15.31
C ILE C 106 5.63 1.77 15.66
N ILE C 107 5.50 2.32 16.87
CA ILE C 107 4.23 2.89 17.30
C ILE C 107 3.78 4.07 16.43
N ARG C 108 4.67 5.04 16.21
CA ARG C 108 4.28 6.16 15.33
C ARG C 108 3.83 5.67 13.94
N ALA C 109 4.53 4.68 13.38
CA ALA C 109 4.17 4.21 12.04
C ALA C 109 2.87 3.40 12.05
N GLY C 110 2.54 2.80 13.19
CA GLY C 110 1.33 2.02 13.30
C GLY C 110 0.12 2.94 13.38
N ILE C 111 0.32 4.12 13.95
CA ILE C 111 -0.76 5.11 14.00
C ILE C 111 -1.08 5.75 12.64
N GLN C 112 -0.10 6.19 11.86
CA GLN C 112 -0.49 6.86 10.63
C GLN C 112 -0.87 5.81 9.58
N ALA C 113 -0.80 4.54 9.96
CA ALA C 113 -1.25 3.49 9.06
C ALA C 113 -2.74 3.20 9.18
N VAL C 114 -3.39 3.68 10.24
CA VAL C 114 -4.84 3.60 10.26
C VAL C 114 -5.34 4.76 9.40
N ASP C 115 -6.25 4.40 8.48
CA ASP C 115 -6.82 5.32 7.49
C ASP C 115 -7.31 6.63 8.08
N PRO C 116 -6.81 7.75 7.55
CA PRO C 116 -7.13 9.11 8.04
C PRO C 116 -8.63 9.40 8.02
N GLY C 117 -9.35 8.63 7.21
CA GLY C 117 -10.80 8.74 7.17
C GLY C 117 -11.43 8.43 8.51
N GLN C 118 -10.85 7.49 9.25
CA GLN C 118 -11.38 7.09 10.57
C GLN C 118 -11.42 8.29 11.52
N ASN C 119 -10.30 9.01 11.56
CA ASN C 119 -10.20 10.21 12.36
C ASN C 119 -11.22 11.22 11.87
N GLU C 120 -11.32 11.35 10.55
CA GLU C 120 -12.31 12.26 9.95
C GLU C 120 -13.76 11.99 10.38
N ALA C 121 -14.16 10.71 10.35
CA ALA C 121 -15.52 10.34 10.75
C ALA C 121 -15.72 10.66 12.20
N ALA C 122 -14.74 10.29 13.01
CA ALA C 122 -14.75 10.58 14.44
C ALA C 122 -14.96 12.07 14.75
N ARG C 123 -14.15 12.92 14.14
CA ARG C 123 -14.23 14.36 14.39
C ARG C 123 -15.54 14.92 13.89
N SER C 124 -15.97 14.40 12.75
CA SER C 124 -17.16 14.89 12.07
C SER C 124 -18.42 14.54 12.86
N LEU C 125 -18.31 13.57 13.76
CA LEU C 125 -19.39 13.20 14.68
C LEU C 125 -19.27 13.93 16.00
N GLY C 126 -18.46 14.99 16.04
CA GLY C 126 -18.32 15.80 17.24
C GLY C 126 -17.26 15.40 18.29
N MET C 127 -16.63 14.24 18.12
CA MET C 127 -15.58 13.79 19.03
C MET C 127 -14.33 14.63 18.96
N THR C 128 -13.78 14.94 20.13
CA THR C 128 -12.46 15.56 20.27
C THR C 128 -11.31 14.59 19.97
N HIS C 129 -10.11 15.13 19.71
CA HIS C 129 -8.97 14.28 19.38
C HIS C 129 -8.73 13.16 20.41
N ALA C 130 -8.87 13.48 21.69
CA ALA C 130 -8.65 12.50 22.74
C ALA C 130 -9.59 11.32 22.60
N MET C 131 -10.88 11.59 22.44
CA MET C 131 -11.88 10.54 22.30
C MET C 131 -11.70 9.73 21.01
N ALA C 132 -11.37 10.43 19.92
CA ALA C 132 -11.18 9.78 18.63
C ALA C 132 -10.07 8.78 18.78
N MET C 133 -9.08 9.23 19.54
CA MET C 133 -7.88 8.45 19.83
C MET C 133 -8.19 7.23 20.69
N ARG C 134 -8.94 7.43 21.76
CA ARG C 134 -9.23 6.32 22.65
C ARG C 134 -10.20 5.30 22.06
N TYR C 135 -11.31 5.77 21.52
CA TYR C 135 -12.38 4.85 21.16
C TYR C 135 -12.29 4.37 19.72
N VAL C 136 -11.55 5.08 18.87
CA VAL C 136 -11.53 4.75 17.45
C VAL C 136 -10.15 4.40 16.88
N ILE C 137 -9.19 5.33 16.97
CA ILE C 137 -7.90 5.15 16.29
C ILE C 137 -6.96 4.13 16.98
N ILE C 138 -6.68 4.32 18.27
CA ILE C 138 -5.73 3.44 18.99
C ILE C 138 -6.07 1.94 18.99
N PRO C 139 -7.35 1.57 19.21
CA PRO C 139 -7.66 0.13 19.09
C PRO C 139 -7.26 -0.49 17.75
N GLN C 140 -7.07 0.31 16.70
CA GLN C 140 -6.66 -0.22 15.39
C GLN C 140 -5.14 -0.16 15.24
N ALA C 141 -4.53 0.90 15.76
CA ALA C 141 -3.08 1.02 15.75
C ALA C 141 -2.48 -0.17 16.48
N ILE C 142 -3.08 -0.56 17.61
CA ILE C 142 -2.59 -1.71 18.40
C ILE C 142 -2.46 -2.98 17.56
N LYS C 143 -3.43 -3.23 16.68
CA LYS C 143 -3.35 -4.41 15.81
C LYS C 143 -2.52 -4.13 14.57
N ASN C 144 -2.13 -2.89 14.36
CA ASN C 144 -1.00 -2.65 13.46
C ASN C 144 0.33 -2.97 14.13
N ILE C 145 0.39 -2.78 15.44
CA ILE C 145 1.62 -2.74 16.19
C ILE C 145 2.09 -4.12 16.66
N LEU C 146 1.22 -4.87 17.33
CA LEU C 146 1.61 -6.19 17.82
C LEU C 146 2.39 -7.07 16.82
N PRO C 147 1.98 -7.09 15.54
CA PRO C 147 2.83 -7.87 14.64
C PRO C 147 4.24 -7.29 14.46
N ALA C 148 4.40 -5.99 14.67
CA ALA C 148 5.69 -5.38 14.40
C ALA C 148 6.56 -5.54 15.64
N LEU C 149 5.89 -5.64 16.78
CA LEU C 149 6.56 -5.93 18.04
C LEU C 149 7.08 -7.38 18.00
N GLY C 150 6.24 -8.31 17.55
CA GLY C 150 6.68 -9.67 17.37
C GLY C 150 7.88 -9.71 16.46
N ASN C 151 7.80 -8.99 15.33
CA ASN C 151 8.94 -9.00 14.42
C ASN C 151 10.18 -8.40 15.07
N GLU C 152 9.95 -7.49 16.01
CA GLU C 152 11.04 -6.79 16.67
C GLU C 152 11.77 -7.72 17.61
N PHE C 153 11.01 -8.44 18.41
CA PHE C 153 11.57 -9.49 19.26
C PHE C 153 12.39 -10.48 18.43
N ILE C 154 11.86 -10.87 17.28
CA ILE C 154 12.59 -11.82 16.45
C ILE C 154 13.93 -11.25 15.99
N VAL C 155 13.95 -9.98 15.61
CA VAL C 155 15.22 -9.37 15.19
C VAL C 155 16.18 -9.22 16.37
N MET C 156 15.63 -8.91 17.54
CA MET C 156 16.44 -8.75 18.74
C MET C 156 17.14 -10.03 19.16
N LEU C 157 16.51 -11.18 18.95
CA LEU C 157 17.23 -12.44 19.16
C LEU C 157 18.57 -12.45 18.45
N LYS C 158 18.54 -12.26 17.14
CA LYS C 158 19.76 -12.23 16.35
C LYS C 158 20.70 -11.12 16.81
N GLU C 159 20.13 -9.95 17.09
CA GLU C 159 20.98 -8.82 17.43
C GLU C 159 21.74 -9.03 18.74
N SER C 160 21.14 -9.70 19.72
CA SER C 160 21.71 -9.84 21.06
C SER C 160 23.01 -10.67 21.10
N ALA C 161 23.26 -11.45 20.05
CA ALA C 161 24.50 -12.20 19.93
C ALA C 161 25.74 -11.31 20.04
N ILE C 162 25.53 -9.99 20.02
CA ILE C 162 26.65 -9.06 20.05
C ILE C 162 27.17 -8.81 21.46
N VAL C 163 26.45 -9.26 22.48
CA VAL C 163 26.94 -9.08 23.85
C VAL C 163 28.02 -10.10 24.19
N SER C 164 28.31 -11.00 23.26
CA SER C 164 29.35 -11.97 23.46
C SER C 164 30.72 -11.27 23.45
N VAL C 165 30.91 -10.32 22.53
CA VAL C 165 32.20 -9.64 22.41
C VAL C 165 32.56 -8.86 23.68
N ILE C 166 31.61 -8.76 24.60
CA ILE C 166 31.79 -8.06 25.85
C ILE C 166 31.98 -9.10 26.97
N GLY C 167 31.97 -10.36 26.57
CA GLY C 167 32.15 -11.44 27.52
C GLY C 167 30.92 -11.90 28.29
N PHE C 168 29.74 -11.65 27.74
CA PHE C 168 28.52 -12.21 28.33
C PHE C 168 28.31 -13.64 27.80
N ALA C 169 27.85 -14.55 28.65
CA ALA C 169 27.80 -15.96 28.28
C ALA C 169 26.53 -16.37 27.53
N ASP C 170 26.27 -15.69 26.41
CA ASP C 170 25.11 -15.98 25.57
C ASP C 170 25.41 -17.16 24.66
N LEU C 171 24.56 -17.43 23.69
CA LEU C 171 24.75 -18.60 22.84
C LEU C 171 26.00 -18.49 21.95
N THR C 172 26.48 -17.28 21.66
CA THR C 172 27.64 -17.14 20.78
C THR C 172 28.94 -17.34 21.56
N ARG C 173 28.93 -16.96 22.84
CA ARG C 173 30.09 -17.11 23.72
C ARG C 173 30.47 -18.59 23.86
N GLN C 174 29.47 -19.46 23.76
CA GLN C 174 29.68 -20.90 23.89
C GLN C 174 30.73 -21.44 22.94
N ALA C 175 30.88 -20.86 21.76
CA ALA C 175 31.92 -21.32 20.85
C ALA C 175 33.33 -21.04 21.39
N ASP C 176 33.50 -19.88 22.03
CA ASP C 176 34.77 -19.57 22.68
C ASP C 176 35.03 -20.59 23.77
N ILE C 177 34.10 -20.67 24.70
CA ILE C 177 34.23 -21.61 25.81
C ILE C 177 34.54 -23.05 25.34
N ILE C 178 33.73 -23.61 24.45
CA ILE C 178 33.99 -24.94 23.90
C ILE C 178 35.37 -25.05 23.21
N GLN C 179 35.74 -24.06 22.42
CA GLN C 179 37.00 -24.15 21.68
C GLN C 179 38.22 -24.11 22.61
N SER C 180 38.10 -23.41 23.73
CA SER C 180 39.20 -23.37 24.67
C SER C 180 39.54 -24.76 25.22
N VAL C 181 38.63 -25.72 25.01
CA VAL C 181 38.79 -27.07 25.53
C VAL C 181 38.79 -28.11 24.41
N THR C 182 38.55 -27.68 23.18
CA THR C 182 38.56 -28.64 22.05
C THR C 182 39.45 -28.18 20.91
N TYR C 183 39.80 -26.89 20.93
CA TYR C 183 40.53 -26.22 19.86
C TYR C 183 39.72 -26.19 18.57
N ARG C 184 38.40 -26.39 18.71
CA ARG C 184 37.47 -26.43 17.58
C ARG C 184 36.53 -25.22 17.53
N TYR C 185 36.50 -24.55 16.38
CA TYR C 185 35.62 -23.40 16.19
C TYR C 185 34.45 -23.71 15.23
N PHE C 186 34.79 -24.27 14.08
CA PHE C 186 33.83 -24.59 13.02
C PHE C 186 32.58 -25.28 13.54
N GLU C 187 32.72 -26.54 13.96
CA GLU C 187 31.58 -27.32 14.45
C GLU C 187 30.70 -26.66 15.52
N PRO C 188 31.29 -26.19 16.63
CA PRO C 188 30.38 -25.62 17.63
C PRO C 188 29.65 -24.35 17.14
N TYR C 189 30.26 -23.63 16.21
CA TYR C 189 29.62 -22.48 15.57
C TYR C 189 28.49 -22.92 14.63
N ILE C 190 28.77 -23.85 13.71
CA ILE C 190 27.73 -24.42 12.86
C ILE C 190 26.54 -24.79 13.73
N ILE C 191 26.80 -25.50 14.83
CA ILE C 191 25.72 -25.85 15.74
C ILE C 191 25.00 -24.62 16.31
N ILE C 192 25.78 -23.62 16.74
CA ILE C 192 25.20 -22.40 17.30
C ILE C 192 24.31 -21.65 16.30
N ALA C 193 24.84 -21.45 15.09
CA ALA C 193 24.12 -20.84 14.00
C ALA C 193 22.82 -21.60 13.77
N ALA C 194 22.91 -22.91 13.55
CA ALA C 194 21.69 -23.71 13.37
C ALA C 194 20.68 -23.51 14.52
N ILE C 195 21.17 -23.35 15.76
CA ILE C 195 20.24 -23.02 16.85
C ILE C 195 19.54 -21.66 16.61
N TYR C 196 20.30 -20.66 16.17
CA TYR C 196 19.70 -19.34 15.87
C TYR C 196 18.66 -19.46 14.77
N PHE C 197 18.99 -20.26 13.76
CA PHE C 197 18.11 -20.50 12.62
C PHE C 197 16.80 -21.10 13.09
N VAL C 198 16.88 -22.19 13.84
CA VAL C 198 15.68 -22.83 14.36
C VAL C 198 14.84 -21.89 15.24
N MET C 199 15.48 -21.11 16.10
CA MET C 199 14.71 -20.14 16.91
C MET C 199 13.96 -19.13 16.04
N THR C 200 14.68 -18.56 15.08
CA THR C 200 14.11 -17.60 14.14
C THR C 200 12.91 -18.19 13.38
N LEU C 201 13.04 -19.41 12.88
CA LEU C 201 11.92 -20.07 12.21
C LEU C 201 10.72 -20.18 13.16
N THR C 202 10.95 -20.76 14.32
CA THR C 202 9.89 -20.97 15.30
C THR C 202 9.07 -19.69 15.58
N PHE C 203 9.78 -18.64 15.98
CA PHE C 203 9.10 -17.39 16.32
C PHE C 203 8.48 -16.73 15.08
N SER C 204 9.09 -16.91 13.90
CA SER C 204 8.57 -16.32 12.66
C SER C 204 7.20 -16.88 12.30
N LYS C 205 7.03 -18.18 12.52
CA LYS C 205 5.75 -18.75 12.16
C LYS C 205 4.72 -18.74 13.30
N LEU C 206 5.13 -18.61 14.56
CA LEU C 206 4.10 -18.35 15.57
C LEU C 206 3.70 -16.88 15.53
N LEU C 207 4.53 -16.08 14.87
CA LEU C 207 4.16 -14.70 14.67
C LEU C 207 3.25 -14.60 13.46
N SER C 208 3.45 -15.43 12.44
CA SER C 208 2.53 -15.35 11.31
C SER C 208 1.16 -15.96 11.68
N LEU C 209 1.19 -16.99 12.53
CA LEU C 209 -0.04 -17.59 13.04
C LEU C 209 -0.79 -16.61 13.94
N PHE C 210 -0.05 -15.91 14.80
CA PHE C 210 -0.67 -14.86 15.61
C PHE C 210 -1.26 -13.77 14.70
N GLU C 211 -0.62 -13.49 13.57
CA GLU C 211 -1.15 -12.48 12.66
C GLU C 211 -2.43 -12.91 11.96
N ARG C 212 -2.60 -14.21 11.74
CA ARG C 212 -3.84 -14.63 11.09
C ARG C 212 -4.85 -15.12 12.13
N ARG C 213 -4.57 -14.86 13.40
CA ARG C 213 -5.61 -14.97 14.41
C ARG C 213 -5.99 -13.55 14.88
N LEU C 214 -5.12 -12.58 14.59
CA LEU C 214 -5.42 -11.17 14.88
C LEU C 214 -6.12 -10.48 13.72
N ARG C 215 -5.39 -10.33 12.62
CA ARG C 215 -5.83 -9.54 11.48
C ARG C 215 -5.84 -10.38 10.20
N MET D 1 40.14 10.22 33.84
CA MET D 1 39.88 11.24 34.84
C MET D 1 38.39 11.65 34.82
N THR D 2 38.10 12.77 34.14
CA THR D 2 36.73 13.21 33.81
C THR D 2 36.77 13.82 32.39
N VAL D 3 35.60 14.25 31.88
CA VAL D 3 35.41 14.71 30.50
C VAL D 3 36.43 15.72 29.99
N ASP D 4 36.98 15.48 28.79
CA ASP D 4 37.86 16.44 28.10
C ASP D 4 37.91 16.10 26.59
N PHE D 5 37.31 16.96 25.77
CA PHE D 5 37.27 16.67 24.34
C PHE D 5 38.42 17.30 23.51
N LEU D 6 39.03 18.39 23.98
CA LEU D 6 40.04 19.04 23.14
C LEU D 6 41.30 18.17 23.07
N SER D 7 41.49 17.38 24.12
CA SER D 7 42.44 16.28 24.11
C SER D 7 42.35 15.48 22.82
N MET D 8 41.11 15.25 22.40
CA MET D 8 40.80 14.36 21.31
C MET D 8 41.20 14.94 19.94
N VAL D 9 41.29 16.27 19.87
CA VAL D 9 41.44 16.94 18.57
C VAL D 9 42.58 16.46 17.66
N LYS D 10 43.80 16.29 18.14
CA LYS D 10 44.83 15.89 17.18
C LYS D 10 45.06 14.38 17.24
N TYR D 11 43.98 13.69 17.58
CA TYR D 11 43.84 12.30 17.20
C TYR D 11 42.93 12.22 15.97
N THR D 12 42.58 13.39 15.42
CA THR D 12 41.79 13.47 14.18
C THR D 12 42.24 12.51 13.06
N PRO D 13 43.55 12.41 12.77
CA PRO D 13 43.93 11.49 11.68
C PRO D 13 43.54 10.03 11.91
N LEU D 14 43.37 9.62 13.16
CA LEU D 14 42.98 8.25 13.43
C LEU D 14 41.54 8.03 13.00
N PHE D 15 40.65 8.87 13.51
CA PHE D 15 39.22 8.84 13.19
C PHE D 15 38.94 8.82 11.68
N ILE D 16 39.50 9.81 10.98
CA ILE D 16 39.43 9.87 9.54
C ILE D 16 39.89 8.56 8.92
N SER D 17 41.03 8.05 9.36
CA SER D 17 41.53 6.80 8.80
C SER D 17 40.51 5.70 9.05
N GLY D 18 39.85 5.76 10.21
CA GLY D 18 38.81 4.80 10.53
C GLY D 18 37.65 5.02 9.60
N LEU D 19 37.18 6.28 9.52
CA LEU D 19 36.06 6.65 8.67
C LEU D 19 36.26 6.15 7.23
N ILE D 20 37.34 6.61 6.62
CA ILE D 20 37.70 6.16 5.28
C ILE D 20 37.68 4.63 5.20
N MET D 21 38.28 3.96 6.18
CA MET D 21 38.37 2.51 6.15
C MET D 21 36.99 1.91 6.21
N THR D 22 36.11 2.49 7.02
CA THR D 22 34.75 1.98 7.06
C THR D 22 34.09 2.06 5.67
N LEU D 23 34.25 3.19 4.98
CA LEU D 23 33.52 3.36 3.72
C LEU D 23 33.96 2.31 2.72
N LYS D 24 35.27 2.10 2.60
CA LYS D 24 35.76 1.22 1.54
C LYS D 24 35.52 -0.22 1.94
N LEU D 25 35.32 -0.47 3.24
CA LEU D 25 34.83 -1.77 3.66
C LEU D 25 33.38 -1.92 3.20
N THR D 26 32.57 -0.90 3.47
CA THR D 26 31.16 -0.97 3.12
C THR D 26 30.91 -1.01 1.60
N PHE D 27 31.46 -0.03 0.85
CA PHE D 27 31.33 -0.02 -0.62
C PHE D 27 31.53 -1.43 -1.17
N LEU D 28 32.76 -1.92 -0.95
CA LEU D 28 33.22 -3.18 -1.53
C LEU D 28 32.28 -4.32 -1.14
N ALA D 29 31.80 -4.29 0.11
CA ALA D 29 30.93 -5.36 0.57
C ALA D 29 29.65 -5.29 -0.23
N VAL D 30 29.00 -4.11 -0.22
CA VAL D 30 27.71 -3.95 -0.88
C VAL D 30 27.83 -4.32 -2.36
N THR D 31 28.84 -3.77 -3.01
CA THR D 31 29.07 -4.08 -4.41
C THR D 31 29.11 -5.59 -4.64
N ILE D 32 29.93 -6.30 -3.89
CA ILE D 32 30.03 -7.73 -4.14
C ILE D 32 28.66 -8.31 -3.80
N GLY D 33 28.10 -7.87 -2.68
CA GLY D 33 26.83 -8.35 -2.19
C GLY D 33 25.75 -8.13 -3.24
N VAL D 34 25.93 -7.10 -4.07
CA VAL D 34 24.95 -6.82 -5.10
C VAL D 34 25.07 -7.88 -6.18
N LEU D 35 26.26 -8.03 -6.74
CA LEU D 35 26.45 -8.94 -7.88
C LEU D 35 26.14 -10.35 -7.45
N MET D 36 26.61 -10.73 -6.26
CA MET D 36 26.24 -12.02 -5.72
C MET D 36 24.73 -12.10 -5.61
N GLY D 37 24.11 -11.11 -4.95
CA GLY D 37 22.68 -11.14 -4.68
C GLY D 37 21.82 -11.27 -5.92
N LEU D 38 22.13 -10.46 -6.92
CA LEU D 38 21.47 -10.50 -8.21
C LEU D 38 21.48 -11.94 -8.71
N PHE D 39 22.64 -12.55 -8.64
CA PHE D 39 22.86 -13.85 -9.25
C PHE D 39 22.08 -14.87 -8.41
N ILE D 40 22.09 -14.67 -7.09
CA ILE D 40 21.37 -15.56 -6.20
C ILE D 40 19.89 -15.50 -6.56
N ALA D 41 19.43 -14.28 -6.86
CA ALA D 41 18.03 -14.08 -7.17
C ALA D 41 17.63 -14.94 -8.36
N LEU D 42 18.49 -15.01 -9.38
CA LEU D 42 18.10 -15.74 -10.58
C LEU D 42 17.93 -17.22 -10.29
N MET D 43 18.69 -17.69 -9.32
CA MET D 43 18.61 -19.11 -8.96
C MET D 43 17.22 -19.43 -8.43
N LYS D 44 16.62 -18.46 -7.75
CA LYS D 44 15.32 -18.67 -7.10
C LYS D 44 14.18 -18.59 -8.12
N MET D 45 14.50 -18.09 -9.32
CA MET D 45 13.48 -17.93 -10.35
C MET D 45 13.48 -19.09 -11.32
N SER D 46 14.51 -19.91 -11.26
CA SER D 46 14.59 -21.07 -12.15
C SER D 46 13.56 -22.11 -11.72
N SER D 47 13.13 -22.93 -12.67
CA SER D 47 12.14 -23.97 -12.40
C SER D 47 12.83 -25.32 -12.23
N ILE D 48 14.15 -25.32 -12.42
CA ILE D 48 15.01 -26.39 -11.97
C ILE D 48 14.98 -26.23 -10.47
N LYS D 49 14.23 -27.05 -9.73
CA LYS D 49 14.11 -26.79 -8.28
C LYS D 49 15.32 -27.15 -7.38
N PRO D 50 16.29 -27.95 -7.87
CA PRO D 50 17.50 -28.06 -7.03
C PRO D 50 18.17 -26.68 -6.83
N ILE D 51 18.33 -25.96 -7.93
CA ILE D 51 18.96 -24.63 -7.93
C ILE D 51 18.16 -23.63 -7.06
N LYS D 52 16.85 -23.61 -7.31
CA LYS D 52 15.88 -22.79 -6.58
C LYS D 52 15.77 -23.03 -5.08
N LEU D 53 15.80 -24.29 -4.62
CA LEU D 53 15.81 -24.51 -3.17
C LEU D 53 17.21 -24.30 -2.57
N VAL D 54 18.25 -24.32 -3.42
CA VAL D 54 19.59 -24.13 -2.90
C VAL D 54 19.65 -22.63 -2.57
N ALA D 55 19.10 -21.83 -3.47
CA ALA D 55 19.00 -20.39 -3.26
C ALA D 55 18.07 -20.00 -2.12
N SER D 56 16.91 -20.65 -2.03
CA SER D 56 15.92 -20.28 -1.03
C SER D 56 16.33 -20.66 0.38
N SER D 57 17.10 -21.75 0.49
CA SER D 57 17.63 -22.16 1.80
C SER D 57 18.87 -21.36 2.18
N TYR D 58 19.69 -21.01 1.20
CA TYR D 58 20.78 -20.05 1.40
C TYR D 58 20.26 -18.77 2.03
N ILE D 59 19.34 -18.12 1.32
CA ILE D 59 18.71 -16.87 1.76
C ILE D 59 18.08 -17.01 3.14
N GLU D 60 17.28 -18.06 3.32
CA GLU D 60 16.57 -18.22 4.59
C GLU D 60 17.55 -18.42 5.74
N VAL D 61 18.64 -19.13 5.47
CA VAL D 61 19.67 -19.41 6.48
C VAL D 61 20.41 -18.13 6.90
N ILE D 62 20.94 -17.41 5.92
CA ILE D 62 21.66 -16.18 6.21
C ILE D 62 20.81 -15.11 6.89
N ARG D 63 19.56 -14.93 6.49
CA ARG D 63 18.82 -13.82 7.10
C ARG D 63 18.32 -14.20 8.48
N GLY D 64 18.19 -15.50 8.73
CA GLY D 64 17.67 -15.97 10.01
C GLY D 64 18.77 -16.23 11.01
N THR D 65 19.97 -15.76 10.71
CA THR D 65 21.14 -16.07 11.51
C THR D 65 22.02 -14.82 11.65
N PRO D 66 22.59 -14.59 12.85
CA PRO D 66 23.24 -13.29 13.12
C PRO D 66 24.41 -13.03 12.18
N LEU D 67 24.72 -11.76 11.89
CA LEU D 67 25.90 -11.44 11.09
C LEU D 67 27.20 -11.78 11.86
N LEU D 68 27.19 -11.56 13.18
CA LEU D 68 28.39 -11.78 13.98
C LEU D 68 28.88 -13.22 13.85
N VAL D 69 27.96 -14.18 14.01
CA VAL D 69 28.31 -15.59 13.87
C VAL D 69 28.84 -15.95 12.48
N GLN D 70 28.34 -15.30 11.43
CA GLN D 70 28.86 -15.60 10.09
C GLN D 70 30.29 -15.08 9.98
N LEU D 71 30.53 -13.92 10.60
CA LEU D 71 31.87 -13.35 10.61
C LEU D 71 32.83 -14.30 11.33
N LEU D 72 32.44 -14.72 12.54
CA LEU D 72 33.22 -15.68 13.31
C LEU D 72 33.35 -17.03 12.59
N LEU D 73 32.40 -17.43 11.76
CA LEU D 73 32.66 -18.66 11.02
C LEU D 73 33.70 -18.49 9.96
N ILE D 74 33.74 -17.32 9.35
CA ILE D 74 34.76 -17.12 8.34
C ILE D 74 36.14 -16.97 9.00
N TYR D 75 36.22 -16.20 10.09
CA TYR D 75 37.52 -15.93 10.71
C TYR D 75 38.02 -17.13 11.53
N ASN D 76 37.38 -17.39 12.66
CA ASN D 76 37.80 -18.46 13.57
C ASN D 76 37.50 -19.90 13.18
N GLY D 77 36.27 -20.16 12.73
CA GLY D 77 35.86 -21.51 12.39
C GLY D 77 36.60 -22.10 11.22
N LEU D 78 37.35 -21.28 10.50
CA LEU D 78 37.97 -21.80 9.30
C LEU D 78 39.51 -21.83 9.49
N MET D 79 39.99 -21.45 10.68
CA MET D 79 41.40 -21.67 11.06
C MET D 79 41.78 -23.14 11.18
N GLN D 80 41.00 -23.91 11.93
CA GLN D 80 41.33 -25.30 12.21
C GLN D 80 41.46 -26.16 10.95
N PHE D 81 41.24 -25.56 9.78
CA PHE D 81 41.49 -26.25 8.52
C PHE D 81 42.76 -25.71 7.85
N GLY D 82 43.59 -25.03 8.64
CA GLY D 82 44.84 -24.50 8.14
C GLY D 82 44.66 -23.35 7.17
N MET D 83 43.63 -22.54 7.41
CA MET D 83 43.44 -21.34 6.60
C MET D 83 43.39 -20.14 7.53
N ASN D 84 44.25 -19.15 7.27
CA ASN D 84 44.18 -17.89 7.99
C ASN D 84 44.09 -16.71 7.06
N ILE D 85 42.85 -16.31 6.82
CA ILE D 85 42.57 -15.13 6.04
C ILE D 85 42.67 -13.92 6.93
N PRO D 86 43.21 -12.80 6.40
CA PRO D 86 43.28 -11.52 7.12
C PRO D 86 41.92 -11.09 7.70
N ALA D 87 41.91 -10.17 8.65
CA ALA D 87 40.66 -9.70 9.23
C ALA D 87 39.79 -9.04 8.16
N PHE D 88 40.46 -8.33 7.26
CA PHE D 88 39.81 -7.61 6.18
C PHE D 88 39.04 -8.54 5.22
N THR D 89 39.69 -9.54 4.63
CA THR D 89 38.97 -10.43 3.72
C THR D 89 37.91 -11.23 4.48
N ALA D 90 38.15 -11.48 5.78
CA ALA D 90 37.15 -12.15 6.59
C ALA D 90 35.89 -11.30 6.61
N GLY D 91 36.06 -10.03 6.94
CA GLY D 91 34.98 -9.07 7.03
C GLY D 91 34.25 -8.79 5.72
N VAL D 92 34.99 -8.50 4.65
CA VAL D 92 34.39 -8.33 3.35
C VAL D 92 33.61 -9.58 2.98
N SER D 93 34.19 -10.76 3.14
CA SER D 93 33.44 -11.96 2.72
C SER D 93 32.16 -12.13 3.55
N ALA D 94 32.25 -11.87 4.84
CA ALA D 94 31.09 -12.00 5.68
C ALA D 94 30.00 -11.03 5.23
N LEU D 95 30.36 -9.76 5.18
CA LEU D 95 29.43 -8.68 4.86
C LEU D 95 28.83 -8.88 3.48
N ALA D 96 29.67 -9.13 2.48
CA ALA D 96 29.19 -9.32 1.11
C ALA D 96 28.24 -10.52 1.02
N ILE D 97 28.48 -11.58 1.79
CA ILE D 97 27.58 -12.73 1.78
C ILE D 97 26.21 -12.37 2.37
N ASN D 98 26.24 -11.79 3.57
CA ASN D 98 25.06 -11.34 4.29
C ASN D 98 24.18 -10.39 3.43
N SER D 99 24.86 -9.36 2.93
CA SER D 99 24.30 -8.42 1.98
C SER D 99 23.78 -9.11 0.72
N SER D 100 24.44 -10.17 0.27
CA SER D 100 23.98 -10.89 -0.92
C SER D 100 22.60 -11.48 -0.68
N ALA D 101 22.37 -12.07 0.49
CA ALA D 101 21.01 -12.57 0.75
C ALA D 101 19.99 -11.42 0.81
N TYR D 102 20.25 -10.43 1.67
CA TYR D 102 19.26 -9.35 1.80
C TYR D 102 18.98 -8.63 0.46
N VAL D 103 19.98 -8.55 -0.41
CA VAL D 103 19.79 -8.01 -1.74
C VAL D 103 18.95 -8.95 -2.60
N ALA D 104 19.18 -10.25 -2.48
CA ALA D 104 18.37 -11.22 -3.22
C ALA D 104 16.88 -11.01 -2.98
N GLU D 105 16.49 -10.78 -1.73
CA GLU D 105 15.06 -10.62 -1.52
C GLU D 105 14.58 -9.16 -1.59
N ILE D 106 15.50 -8.21 -1.65
CA ILE D 106 15.14 -6.88 -2.14
C ILE D 106 14.68 -6.98 -3.60
N ILE D 107 15.47 -7.66 -4.42
CA ILE D 107 15.18 -7.79 -5.83
C ILE D 107 13.86 -8.53 -6.06
N ARG D 108 13.70 -9.68 -5.41
CA ARG D 108 12.41 -10.38 -5.52
C ARG D 108 11.25 -9.46 -5.09
N ALA D 109 11.44 -8.69 -4.03
CA ALA D 109 10.35 -7.85 -3.55
C ALA D 109 10.07 -6.67 -4.48
N GLY D 110 11.08 -6.22 -5.21
CA GLY D 110 10.92 -5.11 -6.12
C GLY D 110 10.21 -5.54 -7.40
N ILE D 111 10.42 -6.80 -7.78
CA ILE D 111 9.70 -7.33 -8.92
C ILE D 111 8.24 -7.56 -8.59
N GLN D 112 7.93 -8.12 -7.43
CA GLN D 112 6.55 -8.44 -7.12
C GLN D 112 5.77 -7.16 -6.73
N ALA D 113 6.47 -6.03 -6.63
CA ALA D 113 5.81 -4.74 -6.37
C ALA D 113 5.35 -4.08 -7.66
N VAL D 114 5.77 -4.61 -8.81
CA VAL D 114 5.22 -4.14 -10.07
C VAL D 114 3.79 -4.65 -10.18
N ASP D 115 2.87 -3.72 -10.45
CA ASP D 115 1.44 -4.04 -10.54
C ASP D 115 1.23 -5.20 -11.47
N PRO D 116 0.59 -6.28 -10.98
CA PRO D 116 0.41 -7.51 -11.77
C PRO D 116 -0.29 -7.25 -13.14
N GLY D 117 -0.97 -6.12 -13.19
CA GLY D 117 -1.59 -5.65 -14.41
C GLY D 117 -0.63 -5.38 -15.55
N GLN D 118 0.57 -4.88 -15.25
CA GLN D 118 1.55 -4.60 -16.28
C GLN D 118 1.91 -5.90 -17.03
N ASN D 119 2.15 -6.95 -16.24
CA ASN D 119 2.42 -8.26 -16.81
C ASN D 119 1.24 -8.76 -17.61
N GLU D 120 0.03 -8.60 -17.07
CA GLU D 120 -1.19 -8.99 -17.80
C GLU D 120 -1.34 -8.29 -19.16
N ALA D 121 -1.09 -6.99 -19.19
CA ALA D 121 -1.18 -6.25 -20.43
C ALA D 121 -0.16 -6.76 -21.42
N ALA D 122 1.06 -7.00 -20.91
CA ALA D 122 2.14 -7.60 -21.72
C ALA D 122 1.76 -8.95 -22.34
N ARG D 123 1.31 -9.90 -21.55
CA ARG D 123 0.93 -11.20 -22.08
C ARG D 123 -0.27 -11.13 -23.01
N SER D 124 -1.26 -10.30 -22.69
CA SER D 124 -2.49 -10.24 -23.47
C SER D 124 -2.26 -9.62 -24.86
N LEU D 125 -1.14 -8.92 -25.03
CA LEU D 125 -0.70 -8.39 -26.33
C LEU D 125 0.27 -9.34 -27.06
N GLY D 126 0.30 -10.60 -26.64
CA GLY D 126 1.12 -11.57 -27.33
C GLY D 126 2.57 -11.74 -26.91
N MET D 127 3.09 -10.87 -26.03
CA MET D 127 4.45 -10.98 -25.53
C MET D 127 4.61 -12.22 -24.66
N THR D 128 5.72 -12.92 -24.88
CA THR D 128 6.12 -14.06 -24.05
C THR D 128 6.64 -13.58 -22.70
N HIS D 129 6.75 -14.50 -21.73
CA HIS D 129 7.20 -14.13 -20.38
C HIS D 129 8.52 -13.37 -20.44
N ALA D 130 9.43 -13.83 -21.30
CA ALA D 130 10.76 -13.22 -21.44
C ALA D 130 10.67 -11.76 -21.86
N MET D 131 9.88 -11.50 -22.90
CA MET D 131 9.71 -10.14 -23.40
C MET D 131 9.00 -9.23 -22.39
N ALA D 132 8.03 -9.79 -21.67
CA ALA D 132 7.26 -9.06 -20.67
C ALA D 132 8.22 -8.58 -19.62
N MET D 133 9.12 -9.48 -19.26
CA MET D 133 10.14 -9.24 -18.28
C MET D 133 11.15 -8.18 -18.74
N ARG D 134 11.64 -8.32 -19.96
CA ARG D 134 12.68 -7.44 -20.48
C ARG D 134 12.25 -6.02 -20.79
N TYR D 135 11.14 -5.89 -21.52
CA TYR D 135 10.73 -4.59 -22.03
C TYR D 135 9.71 -3.86 -21.15
N VAL D 136 9.05 -4.61 -20.24
CA VAL D 136 7.96 -4.05 -19.44
C VAL D 136 8.19 -4.12 -17.92
N ILE D 137 8.29 -5.32 -17.35
CA ILE D 137 8.38 -5.47 -15.90
C ILE D 137 9.73 -5.04 -15.31
N ILE D 138 10.83 -5.60 -15.78
CA ILE D 138 12.12 -5.26 -15.17
C ILE D 138 12.47 -3.77 -15.22
N PRO D 139 12.28 -3.09 -16.38
CA PRO D 139 12.54 -1.64 -16.34
C PRO D 139 11.80 -0.88 -15.21
N GLN D 140 10.74 -1.45 -14.65
CA GLN D 140 10.00 -0.82 -13.55
C GLN D 140 10.48 -1.34 -12.17
N ALA D 141 10.77 -2.64 -12.12
CA ALA D 141 11.28 -3.28 -10.90
C ALA D 141 12.58 -2.63 -10.47
N ILE D 142 13.42 -2.28 -11.45
CA ILE D 142 14.67 -1.59 -11.15
C ILE D 142 14.46 -0.34 -10.31
N LYS D 143 13.45 0.45 -10.65
CA LYS D 143 13.19 1.68 -9.94
C LYS D 143 12.36 1.41 -8.69
N ASN D 144 11.90 0.17 -8.50
CA ASN D 144 11.53 -0.27 -7.14
C ASN D 144 12.75 -0.60 -6.26
N ILE D 145 13.81 -1.10 -6.89
CA ILE D 145 14.92 -1.74 -6.21
C ILE D 145 15.99 -0.76 -5.74
N LEU D 146 16.44 0.10 -6.65
CA LEU D 146 17.49 1.08 -6.31
C LEU D 146 17.23 1.84 -4.99
N PRO D 147 15.98 2.26 -4.70
CA PRO D 147 15.81 2.87 -3.37
C PRO D 147 16.06 1.91 -2.21
N ALA D 148 15.94 0.60 -2.41
CA ALA D 148 16.13 -0.34 -1.33
C ALA D 148 17.61 -0.77 -1.21
N LEU D 149 18.32 -0.76 -2.34
CA LEU D 149 19.76 -1.01 -2.39
C LEU D 149 20.50 0.11 -1.71
N GLY D 150 20.12 1.35 -2.05
CA GLY D 150 20.70 2.50 -1.38
C GLY D 150 20.53 2.42 0.14
N ASN D 151 19.31 2.11 0.56
CA ASN D 151 19.03 1.95 1.98
C ASN D 151 19.84 0.82 2.57
N GLU D 152 20.19 -0.15 1.74
CA GLU D 152 20.97 -1.31 2.17
C GLU D 152 22.39 -0.86 2.48
N PHE D 153 22.97 -0.07 1.58
CA PHE D 153 24.25 0.55 1.83
C PHE D 153 24.24 1.34 3.14
N ILE D 154 23.18 2.10 3.35
CA ILE D 154 23.11 2.91 4.56
C ILE D 154 23.05 2.05 5.82
N VAL D 155 22.33 0.93 5.77
CA VAL D 155 22.31 0.01 6.93
C VAL D 155 23.65 -0.72 7.13
N MET D 156 24.28 -1.10 6.03
CA MET D 156 25.57 -1.81 6.07
C MET D 156 26.65 -0.93 6.69
N LEU D 157 26.60 0.39 6.48
CA LEU D 157 27.50 1.27 7.23
C LEU D 157 27.45 1.02 8.73
N LYS D 158 26.27 1.06 9.32
CA LYS D 158 26.15 0.77 10.75
C LYS D 158 26.62 -0.65 11.08
N GLU D 159 26.24 -1.60 10.22
CA GLU D 159 26.55 -3.01 10.45
C GLU D 159 28.05 -3.32 10.45
N SER D 160 28.80 -2.62 9.61
CA SER D 160 30.21 -2.91 9.39
C SER D 160 31.09 -2.62 10.61
N ALA D 161 30.58 -1.83 11.54
CA ALA D 161 31.29 -1.60 12.78
C ALA D 161 31.57 -2.89 13.54
N ILE D 162 30.96 -4.01 13.15
CA ILE D 162 31.18 -5.21 13.93
C ILE D 162 32.47 -5.94 13.54
N VAL D 163 33.11 -5.53 12.45
CA VAL D 163 34.40 -6.16 12.12
C VAL D 163 35.48 -5.61 13.03
N SER D 164 35.11 -4.67 13.90
CA SER D 164 36.07 -4.15 14.85
C SER D 164 36.43 -5.28 15.81
N VAL D 165 35.43 -6.07 16.22
CA VAL D 165 35.68 -7.16 17.17
C VAL D 165 36.67 -8.20 16.63
N ILE D 166 37.03 -8.09 15.36
CA ILE D 166 37.96 -9.01 14.70
C ILE D 166 39.32 -8.31 14.57
N GLY D 167 39.40 -7.08 15.05
CA GLY D 167 40.63 -6.30 15.02
C GLY D 167 40.94 -5.54 13.74
N PHE D 168 39.92 -5.30 12.91
CA PHE D 168 40.08 -4.47 11.72
C PHE D 168 40.03 -3.00 12.13
N ALA D 169 40.88 -2.19 11.51
CA ALA D 169 41.07 -0.80 11.94
C ALA D 169 40.04 0.16 11.34
N ASP D 170 38.77 -0.13 11.56
CA ASP D 170 37.67 0.70 11.08
C ASP D 170 37.39 1.87 12.03
N LEU D 171 36.27 2.54 11.85
CA LEU D 171 35.95 3.70 12.67
C LEU D 171 35.72 3.35 14.15
N THR D 172 35.30 2.12 14.43
CA THR D 172 35.01 1.75 15.82
C THR D 172 36.24 1.30 16.62
N ARG D 173 37.18 0.64 15.96
CA ARG D 173 38.41 0.16 16.61
C ARG D 173 39.24 1.34 17.14
N GLN D 174 39.11 2.49 16.48
CA GLN D 174 39.83 3.70 16.87
C GLN D 174 39.64 4.03 18.34
N ALA D 175 38.50 3.68 18.93
CA ALA D 175 38.31 3.93 20.35
C ALA D 175 39.27 3.08 21.19
N ASP D 176 39.48 1.83 20.78
CA ASP D 176 40.46 0.99 21.45
C ASP D 176 41.84 1.61 21.29
N ILE D 177 42.23 1.84 20.03
CA ILE D 177 43.54 2.45 19.76
C ILE D 177 43.80 3.73 20.57
N ILE D 178 42.90 4.71 20.49
CA ILE D 178 43.02 5.93 21.29
C ILE D 178 43.07 5.68 22.81
N GLN D 179 42.23 4.78 23.34
CA GLN D 179 42.22 4.59 24.79
C GLN D 179 43.56 4.00 25.24
N SER D 180 44.21 3.22 24.38
CA SER D 180 45.49 2.66 24.77
C SER D 180 46.54 3.73 25.09
N VAL D 181 46.30 4.97 24.65
CA VAL D 181 47.26 6.06 24.84
C VAL D 181 46.65 7.23 25.63
N THR D 182 45.36 7.14 25.95
CA THR D 182 44.74 8.24 26.71
C THR D 182 43.99 7.73 27.94
N TYR D 183 43.77 6.41 27.98
CA TYR D 183 43.01 5.74 29.03
C TYR D 183 41.55 6.22 29.03
N ARG D 184 41.13 6.80 27.90
CA ARG D 184 39.77 7.33 27.72
C ARG D 184 38.94 6.51 26.73
N TYR D 185 37.74 6.12 27.17
CA TYR D 185 36.83 5.37 26.32
C TYR D 185 35.59 6.18 25.86
N PHE D 186 34.92 6.82 26.81
CA PHE D 186 33.70 7.61 26.59
C PHE D 186 33.78 8.54 25.37
N GLU D 187 34.60 9.56 25.52
CA GLU D 187 34.84 10.60 24.52
C GLU D 187 35.14 10.08 23.10
N PRO D 188 36.13 9.18 22.94
CA PRO D 188 36.33 8.73 21.57
C PRO D 188 35.13 7.94 21.02
N TYR D 189 34.34 7.34 21.91
CA TYR D 189 33.14 6.66 21.47
C TYR D 189 32.09 7.67 21.01
N ILE D 190 31.74 8.66 21.84
CA ILE D 190 30.84 9.74 21.40
C ILE D 190 31.27 10.31 20.06
N ILE D 191 32.55 10.66 19.89
CA ILE D 191 32.99 11.17 18.59
C ILE D 191 32.76 10.13 17.49
N ILE D 192 33.03 8.86 17.79
CA ILE D 192 32.80 7.80 16.79
C ILE D 192 31.31 7.71 16.37
N ALA D 193 30.42 7.67 17.36
CA ALA D 193 28.99 7.64 17.12
C ALA D 193 28.59 8.86 16.30
N ALA D 194 28.85 10.07 16.78
CA ALA D 194 28.51 11.28 16.04
C ALA D 194 29.05 11.23 14.60
N ILE D 195 30.22 10.64 14.37
CA ILE D 195 30.63 10.43 12.98
C ILE D 195 29.68 9.48 12.20
N TYR D 196 29.29 8.37 12.85
CA TYR D 196 28.36 7.43 12.21
C TYR D 196 27.03 8.11 11.89
N PHE D 197 26.56 8.91 12.83
CA PHE D 197 25.34 9.65 12.70
C PHE D 197 25.44 10.59 11.51
N VAL D 198 26.47 11.43 11.46
CA VAL D 198 26.60 12.35 10.34
C VAL D 198 26.60 11.60 9.01
N MET D 199 27.27 10.46 8.97
CA MET D 199 27.23 9.63 7.75
C MET D 199 25.80 9.17 7.38
N THR D 200 25.09 8.65 8.38
CA THR D 200 23.73 8.18 8.21
C THR D 200 22.81 9.29 7.69
N LEU D 201 22.88 10.48 8.29
CA LEU D 201 22.12 11.61 7.80
C LEU D 201 22.46 11.96 6.36
N THR D 202 23.75 12.18 6.09
CA THR D 202 24.17 12.57 4.74
C THR D 202 23.61 11.61 3.68
N PHE D 203 23.89 10.32 3.83
CA PHE D 203 23.41 9.37 2.83
C PHE D 203 21.87 9.25 2.82
N SER D 204 21.24 9.40 3.98
CA SER D 204 19.80 9.30 4.03
C SER D 204 19.14 10.43 3.27
N LYS D 205 19.71 11.63 3.32
CA LYS D 205 19.04 12.70 2.62
C LYS D 205 19.51 12.87 1.17
N LEU D 206 20.70 12.40 0.79
CA LEU D 206 20.94 12.44 -0.66
C LEU D 206 20.31 11.23 -1.34
N LEU D 207 19.97 10.20 -0.56
CA LEU D 207 19.20 9.11 -1.13
C LEU D 207 17.71 9.41 -1.11
N SER D 208 17.20 10.15 -0.13
CA SER D 208 15.79 10.49 -0.17
C SER D 208 15.62 11.54 -1.25
N LEU D 209 16.67 12.31 -1.49
CA LEU D 209 16.64 13.25 -2.59
C LEU D 209 16.60 12.48 -3.90
N PHE D 210 17.39 11.40 -3.98
CA PHE D 210 17.34 10.51 -5.16
C PHE D 210 15.98 9.80 -5.35
N GLU D 211 15.31 9.45 -4.25
CA GLU D 211 14.05 8.69 -4.33
C GLU D 211 12.95 9.51 -4.96
N ARG D 212 13.03 10.82 -4.76
CA ARG D 212 12.04 11.74 -5.29
C ARG D 212 12.49 12.48 -6.56
N ARG D 213 13.42 11.89 -7.30
CA ARG D 213 13.71 12.39 -8.64
C ARG D 213 13.05 11.45 -9.64
N LEU D 214 12.73 10.25 -9.17
CA LEU D 214 12.02 9.26 -9.97
C LEU D 214 10.50 9.43 -9.82
N HIS E . 20.11 -3.97 14.12
CA HIS E . 20.03 -2.52 14.06
C HIS E . 21.39 -1.91 13.73
O HIS E . 22.42 -2.36 14.22
CB HIS E . 19.51 -1.98 15.39
CG HIS E . 18.19 -2.52 15.79
ND1 HIS E . 17.01 -2.25 15.11
CD2 HIS E . 17.82 -3.29 16.86
CE1 HIS E . 16.00 -2.84 15.71
NE2 HIS E . 16.46 -3.48 16.78
N HIS F . 21.82 -6.85 10.65
CA HIS F . 21.20 -8.09 10.23
C HIS F . 21.34 -9.16 11.32
O HIS F . 22.10 -8.99 12.27
CB HIS F . 21.82 -8.58 8.91
CG HIS F . 21.70 -7.60 7.78
ND1 HIS F . 22.27 -7.84 6.54
CD2 HIS F . 21.07 -6.42 7.68
CE1 HIS F . 22.00 -6.83 5.73
NE2 HIS F . 21.28 -5.95 6.39
#